data_4LEI
#
_entry.id   4LEI
#
_cell.length_a   162.369
_cell.length_b   162.369
_cell.length_c   81.279
_cell.angle_alpha   90.00
_cell.angle_beta   90.00
_cell.angle_gamma   90.00
#
_symmetry.space_group_name_H-M   'P 43 21 2'
#
loop_
_entity.id
_entity.type
_entity.pdbx_description
1 polymer NDP-forosamyltransferase
2 non-polymer "THYMIDINE-5'-DIPHOSPHATE"
3 water water
#
_entity_poly.entity_id   1
_entity_poly.type   'polypeptide(L)'
_entity_poly.pdbx_seq_one_letter_code
;HHHHHHSSGLVPRGSHMRVLFTPLPASSHFFNLVPLAWALRAAGHEVRVAICPNMVSMVTGAGLTAVPVGDELDLISLAA
KNELVLGSGVSFDEKGRHPELFDELLSINSGRDTDAVEQLHLVDDRSLDDLMGFAEKWQPDLVVWDAMVCSGPVVARALG
ARHVRMLVALDVSGWLRSGFLEYQESKPPEQRVDPLGTWLGAKLAKFGATFDEEIVTGQATIDPIPSWMRLPVDLDYISM
RFVPYNGPAVLPEWLRERPTKPRVCITRGLTKRRLSRVTEQYGEQSDQEQAMVERLLRGAARLDVEVIATLSDDEVREMG
ELPSNVRVHEYVPLNELLESCSVIIHHGSTTTQETATVNGVPQLILPGTFWDESRRAELLADRGAGLVLDPATFTEDDVR
GQLARLLDEPSFAANAALIRREIEESPSPHDIVPRLEKLVAERENRRTGQSDGHP
;
_entity_poly.pdbx_strand_id   A,B
#
# COMPACT_ATOMS: atom_id res chain seq x y z
N SER A 15 -13.51 10.94 -3.60
CA SER A 15 -13.71 9.45 -3.59
C SER A 15 -15.10 9.13 -4.01
N HIS A 16 -15.27 8.10 -4.83
CA HIS A 16 -16.59 7.54 -4.97
C HIS A 16 -16.96 6.75 -3.70
N MET A 17 -16.39 5.56 -3.54
CA MET A 17 -16.80 4.64 -2.50
C MET A 17 -16.05 4.88 -1.20
N ARG A 18 -16.74 4.64 -0.10
CA ARG A 18 -16.09 4.49 1.18
C ARG A 18 -16.13 2.99 1.44
N VAL A 19 -14.98 2.39 1.63
CA VAL A 19 -14.89 0.94 1.79
C VAL A 19 -14.37 0.60 3.19
N LEU A 20 -14.98 -0.38 3.83
CA LEU A 20 -14.50 -0.77 5.13
C LEU A 20 -14.01 -2.18 5.05
N PHE A 21 -12.88 -2.47 5.66
CA PHE A 21 -12.46 -3.84 5.74
C PHE A 21 -12.52 -4.23 7.18
N THR A 22 -12.98 -5.47 7.39
CA THR A 22 -12.93 -6.18 8.67
C THR A 22 -12.18 -7.52 8.56
N PRO A 23 -10.85 -7.48 8.72
CA PRO A 23 -9.99 -8.67 8.62
C PRO A 23 -9.93 -9.33 9.98
N LEU A 24 -9.56 -10.61 10.03
CA LEU A 24 -9.31 -11.29 11.31
C LEU A 24 -7.99 -10.72 11.82
N PRO A 25 -7.85 -10.57 13.15
CA PRO A 25 -6.64 -9.88 13.69
C PRO A 25 -5.38 -10.70 13.72
N ALA A 26 -4.99 -11.27 12.57
CA ALA A 26 -3.77 -12.08 12.43
C ALA A 26 -3.14 -11.93 11.05
N SER A 27 -1.84 -11.70 11.04
CA SER A 27 -1.11 -11.18 9.90
C SER A 27 -1.47 -11.81 8.57
N SER A 28 -1.52 -13.14 8.53
CA SER A 28 -1.82 -13.86 7.29
C SER A 28 -3.19 -13.49 6.72
N HIS A 29 -4.18 -13.48 7.61
CA HIS A 29 -5.54 -13.10 7.28
C HIS A 29 -5.61 -11.69 6.86
N PHE A 30 -4.71 -10.88 7.41
CA PHE A 30 -4.67 -9.47 7.05
C PHE A 30 -3.97 -9.18 5.74
N PHE A 31 -2.80 -9.80 5.59
CA PHE A 31 -2.01 -9.69 4.37
C PHE A 31 -2.87 -9.99 3.16
N ASN A 32 -3.61 -11.09 3.27
CA ASN A 32 -4.48 -11.48 2.19
C ASN A 32 -5.54 -10.43 1.75
N LEU A 33 -5.66 -9.35 2.52
CA LEU A 33 -6.52 -8.22 2.15
C LEU A 33 -5.76 -7.03 1.55
N VAL A 34 -4.56 -6.81 2.05
CA VAL A 34 -3.73 -5.71 1.61
C VAL A 34 -3.84 -5.25 0.13
N PRO A 35 -3.50 -6.12 -0.86
CA PRO A 35 -3.47 -5.66 -2.27
C PRO A 35 -4.79 -5.11 -2.75
N LEU A 36 -5.86 -5.84 -2.48
CA LEU A 36 -7.16 -5.41 -2.92
C LEU A 36 -7.46 -4.04 -2.26
N ALA A 37 -7.23 -3.99 -0.95
CA ALA A 37 -7.32 -2.73 -0.18
C ALA A 37 -6.71 -1.58 -0.96
N TRP A 38 -5.48 -1.77 -1.39
CA TRP A 38 -4.75 -0.80 -2.21
C TRP A 38 -5.29 -0.71 -3.61
N ALA A 39 -5.71 -1.82 -4.19
CA ALA A 39 -6.22 -1.75 -5.55
C ALA A 39 -7.34 -0.72 -5.58
N LEU A 40 -8.27 -0.91 -4.66
CA LEU A 40 -9.34 0.03 -4.39
C LEU A 40 -8.85 1.47 -4.17
N ARG A 41 -7.97 1.67 -3.19
CA ARG A 41 -7.32 2.96 -2.94
C ARG A 41 -6.82 3.59 -4.21
N ALA A 42 -6.18 2.80 -5.05
CA ALA A 42 -5.56 3.36 -6.24
C ALA A 42 -6.59 3.81 -7.26
N ALA A 43 -7.79 3.26 -7.14
CA ALA A 43 -8.93 3.71 -7.92
C ALA A 43 -9.44 5.09 -7.46
N GLY A 44 -9.24 5.41 -6.19
CA GLY A 44 -9.65 6.71 -5.69
C GLY A 44 -10.67 6.62 -4.58
N HIS A 45 -11.02 5.39 -4.17
CA HIS A 45 -11.92 5.13 -3.06
C HIS A 45 -11.29 5.24 -1.69
N GLU A 46 -12.03 5.73 -0.69
CA GLU A 46 -11.50 5.80 0.68
C GLU A 46 -11.57 4.42 1.25
N VAL A 47 -10.47 3.98 1.85
CA VAL A 47 -10.43 2.67 2.50
C VAL A 47 -10.04 2.81 3.97
N ARG A 48 -10.80 2.19 4.86
CA ARG A 48 -10.39 2.09 6.24
C ARG A 48 -10.34 0.63 6.63
N VAL A 49 -9.46 0.27 7.56
CA VAL A 49 -9.38 -1.11 8.08
C VAL A 49 -9.71 -1.09 9.56
N ALA A 50 -10.75 -1.84 9.93
CA ALA A 50 -11.12 -1.91 11.35
C ALA A 50 -10.33 -3.01 12.06
N ILE A 51 -9.63 -2.62 13.14
CA ILE A 51 -8.73 -3.55 13.80
C ILE A 51 -8.52 -3.30 15.29
N CYS A 52 -8.52 -4.38 16.09
CA CYS A 52 -8.36 -4.27 17.55
C CYS A 52 -7.05 -3.58 17.94
N PRO A 53 -7.15 -2.54 18.81
CA PRO A 53 -6.18 -1.42 18.89
C PRO A 53 -4.74 -1.79 19.16
N ASN A 54 -4.48 -3.06 19.49
CA ASN A 54 -3.11 -3.57 19.61
C ASN A 54 -2.47 -4.06 18.30
N MET A 55 -3.27 -4.40 17.28
CA MET A 55 -2.70 -4.81 15.98
C MET A 55 -2.61 -3.62 15.03
N VAL A 56 -2.64 -2.40 15.58
CA VAL A 56 -2.90 -1.19 14.79
C VAL A 56 -1.81 -0.99 13.75
N SER A 57 -0.59 -1.17 14.21
CA SER A 57 0.55 -0.83 13.39
C SER A 57 0.86 -1.96 12.40
N MET A 58 0.22 -3.10 12.58
CA MET A 58 0.29 -4.08 11.54
C MET A 58 -0.21 -3.32 10.34
N VAL A 59 -1.44 -2.74 10.47
CA VAL A 59 -2.31 -2.20 9.37
C VAL A 59 -1.72 -0.99 8.73
N THR A 60 -1.27 -0.09 9.62
CA THR A 60 -0.53 1.12 9.27
C THR A 60 0.73 0.74 8.52
N GLY A 61 1.33 -0.36 8.95
CA GLY A 61 2.48 -0.96 8.34
C GLY A 61 2.28 -1.26 6.88
N ALA A 62 1.12 -1.76 6.50
CA ALA A 62 0.83 -2.00 5.07
C ALA A 62 0.42 -0.71 4.35
N GLY A 63 0.65 0.43 5.01
CA GLY A 63 0.34 1.75 4.47
C GLY A 63 -1.14 2.09 4.44
N LEU A 64 -1.96 1.31 5.17
CA LEU A 64 -3.43 1.50 5.16
C LEU A 64 -3.90 2.15 6.43
N THR A 65 -5.07 2.81 6.39
CA THR A 65 -5.56 3.49 7.59
C THR A 65 -6.41 2.60 8.48
N ALA A 66 -6.09 2.64 9.77
CA ALA A 66 -6.59 1.72 10.77
C ALA A 66 -7.46 2.47 11.74
N VAL A 67 -8.68 1.95 11.87
CA VAL A 67 -9.73 2.36 12.83
C VAL A 67 -9.68 1.38 14.02
N PRO A 68 -9.03 1.78 15.13
CA PRO A 68 -8.95 0.84 16.21
C PRO A 68 -10.33 0.69 16.72
N VAL A 69 -10.64 -0.53 17.12
CA VAL A 69 -11.96 -0.84 17.54
C VAL A 69 -11.87 -1.95 18.58
N GLY A 70 -12.54 -1.72 19.72
CA GLY A 70 -12.71 -2.72 20.78
C GLY A 70 -11.66 -2.74 21.88
N ASP A 71 -11.68 -3.80 22.69
CA ASP A 71 -10.59 -4.04 23.65
C ASP A 71 -9.50 -4.79 22.90
N GLU A 72 -8.29 -4.75 23.44
CA GLU A 72 -7.21 -5.55 22.87
C GLU A 72 -7.57 -7.01 22.81
N LEU A 73 -6.92 -7.74 21.93
CA LEU A 73 -7.21 -9.14 21.72
C LEU A 73 -5.90 -9.81 21.33
N ASP A 74 -5.39 -10.73 22.14
CA ASP A 74 -4.29 -11.60 21.65
C ASP A 74 -4.87 -12.84 20.97
N LEU A 75 -5.23 -12.72 19.70
CA LEU A 75 -5.98 -13.75 19.01
C LEU A 75 -5.28 -15.10 19.02
N ILE A 76 -3.97 -15.06 19.24
CA ILE A 76 -3.18 -16.27 19.26
C ILE A 76 -3.47 -17.08 20.55
N SER A 77 -3.14 -16.51 21.72
CA SER A 77 -3.40 -17.15 23.02
C SER A 77 -4.74 -17.89 23.06
N LEU A 78 -5.77 -17.24 22.51
CA LEU A 78 -7.10 -17.85 22.34
C LEU A 78 -7.07 -19.09 21.44
N ASP A 115 -19.37 -16.81 24.82
CA ASP A 115 -18.53 -15.72 25.34
C ASP A 115 -17.16 -15.65 24.64
N ALA A 116 -16.31 -16.63 24.92
CA ALA A 116 -14.96 -16.69 24.37
C ALA A 116 -15.02 -17.03 22.88
N VAL A 117 -16.07 -17.76 22.50
CA VAL A 117 -16.36 -18.11 21.10
C VAL A 117 -16.60 -16.84 20.26
N GLU A 118 -17.33 -15.89 20.86
CA GLU A 118 -17.75 -14.62 20.24
C GLU A 118 -16.57 -13.74 19.83
N GLN A 119 -15.71 -13.45 20.80
CA GLN A 119 -14.46 -12.71 20.59
C GLN A 119 -13.73 -13.14 19.31
N LEU A 120 -13.36 -14.40 19.21
CA LEU A 120 -12.58 -14.87 18.05
C LEU A 120 -13.11 -14.36 16.70
N HIS A 121 -14.43 -14.33 16.52
CA HIS A 121 -15.02 -13.93 15.23
C HIS A 121 -15.40 -12.45 15.18
N LEU A 122 -14.86 -11.69 16.13
CA LEU A 122 -15.07 -10.24 16.29
C LEU A 122 -16.52 -9.78 16.54
N VAL A 123 -17.40 -10.76 16.74
CA VAL A 123 -18.85 -10.57 16.85
C VAL A 123 -19.39 -10.35 18.30
N ASP A 124 -18.52 -10.47 19.32
CA ASP A 124 -18.89 -10.18 20.73
C ASP A 124 -19.46 -8.79 20.90
N ASP A 125 -20.15 -8.53 22.01
CA ASP A 125 -20.73 -7.20 22.26
C ASP A 125 -19.71 -6.04 22.32
N ARG A 126 -18.77 -6.12 23.26
CA ARG A 126 -17.78 -5.06 23.43
C ARG A 126 -17.26 -4.43 22.12
N SER A 127 -16.88 -5.28 21.18
CA SER A 127 -16.23 -4.85 19.92
C SER A 127 -17.21 -4.35 18.84
N LEU A 128 -18.05 -5.25 18.36
CA LEU A 128 -19.08 -4.93 17.39
C LEU A 128 -19.63 -3.54 17.56
N ASP A 129 -19.97 -3.20 18.81
CA ASP A 129 -20.62 -1.92 19.16
C ASP A 129 -19.78 -0.74 18.76
N ASP A 130 -18.49 -0.81 19.10
CA ASP A 130 -17.54 0.23 18.70
C ASP A 130 -17.54 0.39 17.19
N LEU A 131 -17.36 -0.73 16.49
CA LEU A 131 -17.27 -0.73 15.06
C LEU A 131 -18.54 -0.14 14.51
N MET A 132 -19.65 -0.78 14.88
CA MET A 132 -20.95 -0.27 14.54
C MET A 132 -21.02 1.26 14.81
N GLY A 133 -20.52 1.69 15.97
CA GLY A 133 -20.46 3.11 16.34
C GLY A 133 -19.76 3.99 15.32
N PHE A 134 -18.58 3.55 14.86
CA PHE A 134 -17.85 4.23 13.80
C PHE A 134 -18.62 4.04 12.52
N ALA A 135 -18.85 2.77 12.17
CA ALA A 135 -19.52 2.48 10.93
C ALA A 135 -20.75 3.37 10.71
N GLU A 136 -21.58 3.45 11.75
CA GLU A 136 -22.77 4.30 11.75
C GLU A 136 -22.42 5.70 11.32
N LYS A 137 -21.41 6.27 11.98
CA LYS A 137 -20.97 7.63 11.73
C LYS A 137 -20.41 7.64 10.33
N TRP A 138 -19.58 6.66 10.00
CA TRP A 138 -18.84 6.71 8.75
C TRP A 138 -19.64 6.35 7.51
N GLN A 139 -20.54 5.39 7.63
CA GLN A 139 -21.38 5.06 6.50
C GLN A 139 -20.54 4.59 5.31
N PRO A 140 -20.05 3.35 5.36
CA PRO A 140 -19.43 2.78 4.19
C PRO A 140 -20.47 2.25 3.20
N ASP A 141 -20.07 2.10 1.95
CA ASP A 141 -20.96 1.67 0.91
C ASP A 141 -20.65 0.22 0.70
N LEU A 142 -19.56 -0.22 1.30
CA LEU A 142 -19.09 -1.58 1.06
C LEU A 142 -18.20 -2.06 2.16
N VAL A 143 -18.52 -3.25 2.64
CA VAL A 143 -17.68 -3.89 3.62
C VAL A 143 -17.16 -5.16 3.03
N VAL A 144 -15.84 -5.31 3.15
CA VAL A 144 -15.17 -6.48 2.65
C VAL A 144 -14.66 -7.12 3.90
N TRP A 145 -14.98 -8.39 4.06
CA TRP A 145 -14.78 -9.03 5.35
C TRP A 145 -14.15 -10.39 5.26
N ASP A 146 -13.14 -10.57 6.13
CA ASP A 146 -12.44 -11.84 6.30
C ASP A 146 -13.46 -12.89 6.66
N ALA A 147 -13.37 -14.04 6.01
CA ALA A 147 -14.44 -15.04 6.09
C ALA A 147 -14.69 -15.64 7.46
N MET A 148 -13.97 -15.20 8.49
CA MET A 148 -14.06 -15.87 9.79
C MET A 148 -14.51 -14.94 10.89
N VAL A 149 -14.88 -13.72 10.51
CA VAL A 149 -15.41 -12.72 11.45
C VAL A 149 -16.85 -12.47 11.04
N CYS A 150 -17.74 -12.25 12.00
CA CYS A 150 -19.13 -11.98 11.63
C CYS A 150 -19.39 -10.50 11.78
N SER A 151 -18.77 -9.91 12.79
CA SER A 151 -18.43 -8.47 12.84
C SER A 151 -18.99 -7.62 11.68
N GLY A 152 -18.31 -7.68 10.55
CA GLY A 152 -18.58 -6.84 9.39
C GLY A 152 -19.88 -7.03 8.62
N PRO A 153 -20.30 -8.30 8.38
CA PRO A 153 -21.63 -8.46 7.80
C PRO A 153 -22.76 -8.02 8.77
N VAL A 154 -22.57 -8.19 10.10
CA VAL A 154 -23.58 -7.71 11.04
C VAL A 154 -23.77 -6.21 10.87
N VAL A 155 -22.66 -5.50 10.91
CA VAL A 155 -22.66 -4.05 10.67
C VAL A 155 -23.26 -3.70 9.28
N ALA A 156 -22.89 -4.47 8.27
CA ALA A 156 -23.29 -4.24 6.92
C ALA A 156 -24.81 -4.27 6.78
N ARG A 157 -25.44 -5.27 7.37
CA ARG A 157 -26.87 -5.38 7.21
C ARG A 157 -27.49 -4.28 8.04
N ALA A 158 -26.99 -4.11 9.25
CA ALA A 158 -27.43 -3.03 10.14
C ALA A 158 -27.39 -1.70 9.40
N LEU A 159 -26.42 -1.57 8.51
CA LEU A 159 -26.14 -0.34 7.77
C LEU A 159 -26.77 -0.27 6.38
N GLY A 160 -26.98 -1.43 5.76
CA GLY A 160 -27.51 -1.50 4.39
C GLY A 160 -26.49 -1.40 3.26
N ALA A 161 -25.20 -1.51 3.63
CA ALA A 161 -24.07 -1.38 2.71
C ALA A 161 -23.79 -2.75 2.17
N ARG A 162 -23.41 -2.83 0.90
CA ARG A 162 -23.07 -4.11 0.27
C ARG A 162 -21.98 -4.85 1.06
N HIS A 163 -22.02 -6.17 1.11
CA HIS A 163 -20.94 -6.83 1.84
C HIS A 163 -20.35 -7.95 1.09
N VAL A 164 -19.02 -8.05 1.14
CA VAL A 164 -18.33 -9.13 0.44
C VAL A 164 -17.35 -9.85 1.30
N ARG A 165 -17.54 -11.17 1.33
CA ARG A 165 -16.68 -12.08 2.02
C ARG A 165 -15.45 -12.37 1.16
N MET A 166 -14.30 -12.42 1.83
CA MET A 166 -13.06 -12.83 1.19
C MET A 166 -12.37 -14.02 1.89
N LEU A 167 -12.11 -15.08 1.11
CA LEU A 167 -11.53 -16.33 1.64
C LEU A 167 -10.04 -16.18 1.81
N VAL A 168 -9.47 -16.89 2.78
CA VAL A 168 -8.01 -17.06 2.94
C VAL A 168 -7.70 -18.56 3.00
N ALA A 169 -8.56 -19.34 2.34
CA ALA A 169 -8.64 -20.79 2.55
C ALA A 169 -9.77 -21.31 1.71
N LEU A 170 -9.95 -22.64 1.71
CA LEU A 170 -11.03 -23.31 0.98
C LEU A 170 -12.39 -23.00 1.67
N ASP A 171 -13.50 -23.04 0.92
CA ASP A 171 -14.79 -22.62 1.50
C ASP A 171 -15.51 -23.64 2.39
N VAL A 172 -14.86 -23.99 3.51
CA VAL A 172 -15.42 -24.89 4.51
C VAL A 172 -16.73 -24.35 5.06
N SER A 173 -16.67 -23.14 5.56
CA SER A 173 -17.85 -22.47 6.10
C SER A 173 -18.98 -22.67 5.10
N GLY A 174 -18.76 -22.20 3.87
CA GLY A 174 -19.77 -22.22 2.81
C GLY A 174 -20.13 -23.61 2.31
N TRP A 175 -19.12 -24.45 2.17
CA TRP A 175 -19.37 -25.83 1.79
C TRP A 175 -20.24 -26.45 2.84
N LEU A 176 -19.75 -26.53 4.09
CA LEU A 176 -20.57 -27.03 5.21
C LEU A 176 -21.94 -26.39 5.21
N ARG A 177 -21.97 -25.07 5.42
CA ARG A 177 -23.21 -24.32 5.37
C ARG A 177 -24.13 -24.80 4.26
N SER A 178 -23.55 -25.17 3.12
CA SER A 178 -24.29 -25.72 1.96
C SER A 178 -24.88 -27.11 2.26
N GLY A 179 -24.05 -27.98 2.86
CA GLY A 179 -24.47 -29.32 3.31
C GLY A 179 -25.75 -29.16 4.09
N PHE A 180 -25.65 -28.44 5.20
CA PHE A 180 -26.80 -28.03 6.01
C PHE A 180 -28.01 -27.53 5.19
N LEU A 181 -27.91 -26.35 4.58
CA LEU A 181 -29.09 -25.76 3.97
C LEU A 181 -29.89 -26.80 3.21
N GLU A 182 -29.20 -27.73 2.57
CA GLU A 182 -29.84 -28.76 1.76
C GLU A 182 -30.55 -29.83 2.60
N TYR A 183 -29.92 -30.30 3.66
CA TYR A 183 -30.53 -31.23 4.59
C TYR A 183 -31.75 -30.53 5.19
N GLN A 184 -31.53 -29.46 5.95
CA GLN A 184 -32.59 -28.69 6.59
C GLN A 184 -33.79 -28.58 5.64
N GLU A 185 -33.49 -28.38 4.34
CA GLU A 185 -34.47 -28.33 3.26
C GLU A 185 -35.60 -29.37 3.38
N SER A 186 -35.23 -30.65 3.23
CA SER A 186 -36.15 -31.79 3.16
C SER A 186 -36.96 -32.09 4.43
N LYS A 187 -36.50 -31.58 5.58
CA LYS A 187 -37.16 -31.76 6.88
C LYS A 187 -38.59 -31.17 6.94
N PRO A 188 -39.44 -31.74 7.82
CA PRO A 188 -40.66 -31.11 8.25
C PRO A 188 -40.43 -29.63 8.57
N PRO A 189 -40.95 -28.73 7.72
CA PRO A 189 -40.87 -27.29 7.91
C PRO A 189 -40.75 -26.80 9.35
N GLU A 190 -41.49 -27.40 10.30
CA GLU A 190 -41.48 -26.96 11.71
C GLU A 190 -40.17 -27.32 12.41
N GLN A 191 -39.47 -28.28 11.84
CA GLN A 191 -38.18 -28.70 12.37
C GLN A 191 -36.97 -28.05 11.67
N ARG A 192 -37.22 -27.20 10.66
CA ARG A 192 -36.14 -26.49 9.97
C ARG A 192 -35.35 -25.57 10.89
N VAL A 193 -34.67 -26.17 11.87
CA VAL A 193 -33.84 -25.43 12.81
C VAL A 193 -32.63 -24.78 12.13
N ASP A 194 -32.13 -23.72 12.72
CA ASP A 194 -30.95 -23.06 12.22
C ASP A 194 -30.27 -22.25 13.35
N PRO A 195 -29.54 -22.98 14.23
CA PRO A 195 -28.84 -22.35 15.35
C PRO A 195 -27.98 -21.17 14.90
N LEU A 196 -27.08 -21.43 13.96
CA LEU A 196 -26.24 -20.35 13.49
C LEU A 196 -27.13 -19.13 13.20
N GLY A 197 -28.15 -19.32 12.36
CA GLY A 197 -28.97 -18.21 11.85
C GLY A 197 -29.59 -17.39 12.96
N THR A 198 -30.39 -18.08 13.76
CA THR A 198 -31.13 -17.47 14.85
C THR A 198 -30.24 -16.75 15.86
N TRP A 199 -29.15 -17.41 16.25
CA TRP A 199 -28.23 -16.83 17.20
C TRP A 199 -27.74 -15.53 16.64
N LEU A 200 -27.56 -15.48 15.33
CA LEU A 200 -27.13 -14.27 14.63
C LEU A 200 -28.20 -13.20 14.58
N GLY A 201 -29.41 -13.60 14.16
CA GLY A 201 -30.62 -12.77 14.15
C GLY A 201 -30.80 -11.95 15.44
N ALA A 202 -30.41 -12.57 16.56
CA ALA A 202 -30.40 -11.95 17.87
C ALA A 202 -29.40 -10.75 17.98
N LYS A 203 -28.13 -10.97 17.58
CA LYS A 203 -27.17 -9.86 17.48
C LYS A 203 -27.72 -8.85 16.50
N LEU A 204 -28.04 -9.35 15.31
CA LEU A 204 -28.65 -8.55 14.27
C LEU A 204 -29.79 -7.68 14.79
N ALA A 205 -30.73 -8.30 15.52
CA ALA A 205 -31.85 -7.57 16.07
C ALA A 205 -31.42 -6.45 17.01
N LYS A 206 -30.28 -6.64 17.68
CA LYS A 206 -29.70 -5.62 18.57
C LYS A 206 -29.63 -4.25 17.88
N PHE A 207 -29.57 -4.26 16.55
CA PHE A 207 -29.43 -3.04 15.77
C PHE A 207 -30.57 -2.92 14.77
N GLY A 208 -31.73 -3.42 15.17
CA GLY A 208 -32.91 -3.41 14.30
C GLY A 208 -32.73 -4.08 12.95
N ALA A 209 -31.93 -5.13 12.89
CA ALA A 209 -31.71 -5.86 11.64
C ALA A 209 -32.18 -7.30 11.72
N THR A 210 -32.61 -7.83 10.58
CA THR A 210 -33.09 -9.21 10.53
C THR A 210 -32.04 -10.09 9.89
N PHE A 211 -32.20 -11.40 10.03
CA PHE A 211 -31.27 -12.34 9.40
C PHE A 211 -31.54 -12.62 7.94
N ASP A 212 -30.48 -12.98 7.26
CA ASP A 212 -30.47 -13.36 5.88
C ASP A 212 -29.37 -14.39 5.70
N GLU A 213 -29.54 -15.30 4.75
CA GLU A 213 -28.48 -16.16 4.33
C GLU A 213 -27.18 -15.37 4.05
N GLU A 214 -27.34 -14.18 3.48
CA GLU A 214 -26.20 -13.36 3.07
C GLU A 214 -25.16 -13.11 4.17
N ILE A 215 -25.58 -13.19 5.44
CA ILE A 215 -24.71 -12.78 6.55
C ILE A 215 -23.66 -13.83 6.75
N VAL A 216 -23.99 -15.06 6.38
CA VAL A 216 -23.08 -16.17 6.56
C VAL A 216 -21.98 -16.18 5.48
N THR A 217 -22.35 -16.06 4.20
CA THR A 217 -21.41 -16.16 3.06
C THR A 217 -21.16 -14.85 2.26
N GLY A 218 -21.84 -13.77 2.70
CA GLY A 218 -21.78 -12.42 2.10
C GLY A 218 -22.49 -12.33 0.77
N GLN A 219 -22.71 -11.12 0.28
CA GLN A 219 -23.36 -10.93 -1.01
C GLN A 219 -22.60 -11.57 -2.15
N ALA A 220 -21.28 -11.66 -1.97
CA ALA A 220 -20.35 -12.37 -2.87
C ALA A 220 -19.22 -12.87 -2.03
N THR A 221 -18.55 -13.89 -2.56
CA THR A 221 -17.33 -14.36 -1.96
C THR A 221 -16.21 -14.25 -2.96
N ILE A 222 -15.19 -13.44 -2.62
CA ILE A 222 -13.96 -13.27 -3.43
C ILE A 222 -13.01 -14.41 -3.12
N ASP A 223 -12.62 -15.18 -4.14
CA ASP A 223 -11.77 -16.39 -3.99
C ASP A 223 -10.35 -16.23 -4.54
N PRO A 224 -9.35 -16.20 -3.63
CA PRO A 224 -7.98 -16.05 -4.11
C PRO A 224 -7.25 -17.39 -4.37
N ILE A 225 -7.70 -18.49 -3.77
CA ILE A 225 -7.13 -19.81 -4.09
C ILE A 225 -7.60 -20.16 -5.52
N PRO A 226 -6.79 -20.91 -6.29
CA PRO A 226 -7.11 -21.10 -7.72
C PRO A 226 -8.38 -21.90 -7.95
N SER A 227 -9.06 -21.57 -9.06
CA SER A 227 -10.41 -22.05 -9.38
C SER A 227 -10.58 -23.52 -9.20
N TRP A 228 -9.65 -24.28 -9.76
CA TRP A 228 -9.71 -25.74 -9.74
C TRP A 228 -9.69 -26.27 -8.33
N MET A 229 -8.83 -25.75 -7.47
CA MET A 229 -8.84 -26.12 -6.04
C MET A 229 -10.11 -25.85 -5.20
N ARG A 230 -11.10 -25.17 -5.76
CA ARG A 230 -12.20 -24.59 -4.99
C ARG A 230 -13.35 -25.54 -4.80
N LEU A 231 -13.68 -25.80 -3.52
CA LEU A 231 -14.73 -26.77 -3.06
C LEU A 231 -16.06 -26.57 -3.82
N PRO A 232 -16.77 -27.68 -4.18
CA PRO A 232 -18.04 -27.45 -4.91
C PRO A 232 -19.13 -26.98 -3.95
N VAL A 233 -19.61 -25.76 -4.17
CA VAL A 233 -20.62 -25.11 -3.34
C VAL A 233 -21.16 -23.92 -4.12
N ASP A 234 -22.46 -23.99 -4.41
CA ASP A 234 -23.15 -23.10 -5.32
C ASP A 234 -23.30 -21.64 -4.83
N LEU A 235 -22.20 -20.89 -4.72
CA LEU A 235 -22.29 -19.45 -4.39
C LEU A 235 -21.79 -18.56 -5.57
N ASP A 236 -21.86 -17.23 -5.36
CA ASP A 236 -21.39 -16.27 -6.35
C ASP A 236 -19.94 -15.92 -6.02
N TYR A 237 -19.03 -16.60 -6.72
CA TYR A 237 -17.58 -16.47 -6.48
C TYR A 237 -16.82 -15.50 -7.41
N ILE A 238 -15.92 -14.73 -6.84
CA ILE A 238 -15.21 -13.77 -7.64
C ILE A 238 -13.74 -14.13 -7.64
N SER A 239 -13.29 -14.60 -8.80
CA SER A 239 -11.93 -15.11 -8.96
C SER A 239 -10.93 -13.99 -9.05
N MET A 240 -10.04 -13.97 -8.06
CA MET A 240 -8.99 -12.97 -7.97
C MET A 240 -7.69 -13.68 -7.84
N ARG A 241 -6.76 -13.22 -8.67
CA ARG A 241 -5.35 -13.59 -8.69
C ARG A 241 -4.64 -13.17 -7.41
N PHE A 242 -4.11 -14.13 -6.68
CA PHE A 242 -3.39 -13.82 -5.44
C PHE A 242 -2.16 -12.95 -5.72
N VAL A 243 -2.08 -11.77 -5.09
CA VAL A 243 -0.85 -10.97 -5.09
C VAL A 243 -0.18 -10.93 -3.72
N PRO A 244 1.11 -11.32 -3.66
CA PRO A 244 1.77 -11.49 -2.36
C PRO A 244 2.17 -10.22 -1.61
N TYR A 245 1.73 -10.10 -0.36
CA TYR A 245 2.31 -9.11 0.58
C TYR A 245 2.66 -9.84 1.85
N ASN A 246 3.93 -9.72 2.23
CA ASN A 246 4.54 -10.61 3.19
C ASN A 246 5.09 -9.90 4.40
N GLY A 247 4.57 -8.71 4.66
CA GLY A 247 4.95 -7.97 5.84
C GLY A 247 5.77 -6.87 5.25
N PRO A 248 6.68 -6.27 6.06
CA PRO A 248 7.49 -5.19 5.52
C PRO A 248 8.70 -5.81 4.87
N ALA A 249 8.94 -5.44 3.62
CA ALA A 249 9.95 -6.07 2.82
C ALA A 249 11.14 -5.13 2.68
N VAL A 250 12.29 -5.53 3.22
CA VAL A 250 13.58 -4.91 2.83
C VAL A 250 14.50 -5.90 2.12
N LEU A 251 15.03 -5.50 0.97
CA LEU A 251 15.86 -6.35 0.14
C LEU A 251 17.35 -6.16 0.46
N PRO A 252 17.93 -7.03 1.33
CA PRO A 252 19.33 -6.89 1.68
C PRO A 252 20.21 -7.35 0.53
N GLU A 253 21.48 -6.92 0.54
CA GLU A 253 22.37 -6.98 -0.64
C GLU A 253 22.45 -8.39 -1.19
N TRP A 254 22.65 -9.32 -0.26
CA TRP A 254 22.80 -10.73 -0.57
C TRP A 254 21.65 -11.36 -1.30
N LEU A 255 20.58 -10.61 -1.42
CA LEU A 255 19.41 -11.13 -2.04
C LEU A 255 19.31 -10.50 -3.44
N ARG A 256 20.42 -9.99 -3.96
CA ARG A 256 20.39 -9.20 -5.18
C ARG A 256 21.08 -9.95 -6.26
N GLU A 257 21.90 -10.90 -5.84
CA GLU A 257 22.73 -11.66 -6.76
C GLU A 257 21.99 -12.95 -7.01
N ARG A 258 22.14 -13.51 -8.21
CA ARG A 258 21.73 -14.88 -8.47
C ARG A 258 22.46 -15.73 -7.43
N PRO A 259 21.84 -16.83 -6.97
CA PRO A 259 22.57 -17.76 -6.11
C PRO A 259 23.69 -18.43 -6.90
N THR A 260 24.31 -19.45 -6.32
CA THR A 260 25.39 -20.11 -7.02
C THR A 260 25.25 -21.61 -6.81
N LYS A 261 24.43 -21.99 -5.85
CA LYS A 261 24.04 -23.36 -5.65
C LYS A 261 22.52 -23.34 -5.68
N PRO A 262 21.84 -24.49 -5.87
CA PRO A 262 20.42 -24.19 -5.96
C PRO A 262 19.93 -23.83 -4.58
N ARG A 263 19.04 -22.85 -4.53
CA ARG A 263 18.54 -22.33 -3.27
C ARG A 263 17.36 -23.09 -2.76
N VAL A 264 17.31 -23.27 -1.45
CA VAL A 264 16.11 -23.82 -0.82
C VAL A 264 15.59 -22.93 0.32
N CYS A 265 14.28 -22.69 0.28
CA CYS A 265 13.58 -22.01 1.35
C CYS A 265 12.90 -22.96 2.36
N ILE A 266 13.02 -22.63 3.63
CA ILE A 266 12.39 -23.43 4.67
C ILE A 266 11.75 -22.47 5.67
N THR A 267 10.43 -22.35 5.49
CA THR A 267 9.65 -21.43 6.27
C THR A 267 8.42 -22.04 6.89
N ARG A 268 8.06 -21.42 8.00
CA ARG A 268 6.72 -21.41 8.47
C ARG A 268 6.45 -19.97 8.81
N GLY A 269 5.36 -19.44 8.28
CA GLY A 269 4.99 -18.06 8.53
C GLY A 269 4.79 -17.84 10.00
N LEU A 270 4.51 -16.60 10.35
CA LEU A 270 4.44 -16.17 11.73
C LEU A 270 3.38 -16.93 12.51
N THR A 271 2.13 -16.73 12.11
CA THR A 271 0.93 -17.12 12.91
C THR A 271 1.04 -18.52 13.52
N LYS A 272 1.67 -19.46 12.80
CA LYS A 272 1.92 -20.79 13.34
C LYS A 272 3.09 -20.75 14.32
N ARG A 273 4.19 -21.39 13.96
CA ARG A 273 5.36 -21.41 14.81
C ARG A 273 5.16 -20.56 16.08
N ARG A 274 5.34 -19.24 15.97
CA ARG A 274 4.95 -18.21 16.96
C ARG A 274 3.85 -18.58 17.95
N LEU A 275 4.18 -19.54 18.79
CA LEU A 275 3.29 -20.31 19.70
C LEU A 275 3.67 -21.79 19.50
N SER A 276 4.75 -22.30 20.09
CA SER A 276 5.78 -21.57 20.84
C SER A 276 5.30 -20.44 21.77
N ARG A 277 5.80 -19.21 21.54
CA ARG A 277 5.79 -18.09 22.52
C ARG A 277 5.51 -18.44 24.01
N VAL A 278 4.29 -18.90 24.38
CA VAL A 278 4.13 -19.59 25.70
C VAL A 278 3.55 -21.03 25.61
N GLU A 289 7.90 -29.10 20.99
CA GLU A 289 7.99 -30.19 20.01
C GLU A 289 7.40 -29.79 18.61
N GLN A 290 8.15 -29.06 17.77
CA GLN A 290 9.56 -28.62 17.96
C GLN A 290 10.53 -29.39 17.06
N ALA A 291 10.54 -30.72 17.23
CA ALA A 291 11.54 -31.61 16.63
C ALA A 291 11.55 -31.59 15.11
N MET A 292 10.36 -31.58 14.51
CA MET A 292 10.19 -31.77 13.06
C MET A 292 11.07 -30.86 12.18
N VAL A 293 11.30 -29.63 12.63
CA VAL A 293 12.03 -28.62 11.84
C VAL A 293 13.49 -28.94 11.76
N GLU A 294 14.11 -29.15 12.91
CA GLU A 294 15.46 -29.62 12.90
C GLU A 294 15.51 -30.89 12.03
N ARG A 295 14.49 -31.76 12.08
CA ARG A 295 14.45 -32.90 11.15
C ARG A 295 14.51 -32.43 9.70
N LEU A 296 13.54 -31.61 9.32
CA LEU A 296 13.40 -31.06 7.96
C LEU A 296 14.67 -30.38 7.49
N LEU A 297 15.25 -29.62 8.43
CA LEU A 297 16.40 -28.77 8.20
C LEU A 297 17.65 -29.60 8.07
N ARG A 298 17.76 -30.67 8.88
CA ARG A 298 18.87 -31.60 8.76
C ARG A 298 18.74 -32.28 7.42
N GLY A 299 17.63 -33.00 7.27
CA GLY A 299 17.36 -33.77 6.06
C GLY A 299 17.64 -32.95 4.85
N ALA A 300 17.06 -31.75 4.83
CA ALA A 300 17.21 -30.88 3.67
C ALA A 300 18.70 -30.71 3.31
N ALA A 301 19.53 -30.36 4.30
CA ALA A 301 20.89 -29.91 4.03
C ALA A 301 21.78 -31.03 3.50
N ARG A 302 21.40 -32.27 3.79
CA ARG A 302 22.11 -33.43 3.23
C ARG A 302 22.38 -33.24 1.74
N LEU A 303 21.61 -32.39 1.08
CA LEU A 303 21.77 -32.20 -0.34
C LEU A 303 22.66 -30.97 -0.57
N ASP A 304 23.41 -30.95 -1.68
CA ASP A 304 24.37 -29.88 -2.00
C ASP A 304 23.70 -28.55 -2.41
N VAL A 305 23.11 -27.86 -1.44
CA VAL A 305 22.35 -26.62 -1.70
C VAL A 305 22.41 -25.65 -0.52
N GLU A 306 22.12 -24.38 -0.78
CA GLU A 306 22.05 -23.40 0.29
C GLU A 306 20.65 -23.40 0.85
N VAL A 307 20.50 -23.72 2.12
CA VAL A 307 19.17 -23.63 2.73
C VAL A 307 18.99 -22.35 3.54
N ILE A 308 18.01 -21.54 3.14
CA ILE A 308 17.56 -20.37 3.90
C ILE A 308 16.43 -20.83 4.83
N ALA A 309 16.67 -20.92 6.13
CA ALA A 309 15.61 -21.31 7.05
C ALA A 309 15.17 -20.10 7.78
N THR A 310 13.86 -19.85 7.82
CA THR A 310 13.39 -18.58 8.37
C THR A 310 12.96 -18.71 9.82
N LEU A 311 13.91 -18.72 10.75
CA LEU A 311 13.59 -19.15 12.12
C LEU A 311 13.73 -18.11 13.26
N SER A 312 13.08 -18.37 14.39
CA SER A 312 13.14 -17.50 15.56
C SER A 312 14.22 -18.02 16.47
N ASP A 313 14.41 -17.35 17.61
CA ASP A 313 15.44 -17.78 18.56
C ASP A 313 15.03 -19.08 19.25
N ASP A 314 15.76 -20.12 18.86
CA ASP A 314 15.42 -21.51 19.13
C ASP A 314 16.23 -22.46 18.17
N GLU A 315 16.53 -23.67 18.65
CA GLU A 315 17.51 -24.60 18.05
C GLU A 315 17.69 -25.94 18.90
N VAL A 316 18.75 -26.75 18.74
CA VAL A 316 19.90 -26.58 17.84
C VAL A 316 20.48 -27.98 17.54
N GLU A 321 23.53 -27.14 16.92
CA GLU A 321 24.54 -26.81 15.94
C GLU A 321 24.03 -27.18 14.54
N LEU A 322 24.25 -26.27 13.60
CA LEU A 322 23.63 -26.30 12.26
C LEU A 322 24.57 -26.77 11.15
N PRO A 323 24.03 -27.36 10.06
CA PRO A 323 24.91 -27.65 8.89
C PRO A 323 25.53 -26.40 8.24
N SER A 324 26.72 -26.53 7.66
CA SER A 324 27.42 -25.36 7.08
C SER A 324 26.62 -24.64 5.98
N ASN A 325 25.93 -25.41 5.14
CA ASN A 325 25.14 -24.87 4.01
C ASN A 325 23.73 -24.29 4.37
N VAL A 326 23.58 -23.82 5.59
CA VAL A 326 22.29 -23.42 6.14
C VAL A 326 22.39 -22.08 6.82
N ARG A 327 21.59 -21.14 6.35
CA ARG A 327 21.56 -19.82 7.00
C ARG A 327 20.17 -19.44 7.53
N VAL A 328 20.14 -18.86 8.73
CA VAL A 328 18.89 -18.68 9.46
C VAL A 328 18.55 -17.22 9.78
N HIS A 329 17.33 -16.77 9.43
CA HIS A 329 16.90 -15.40 9.74
C HIS A 329 15.56 -15.40 10.44
N GLU A 330 15.25 -14.33 11.18
CA GLU A 330 13.96 -14.25 11.90
C GLU A 330 12.77 -14.05 10.96
N TYR A 331 12.93 -13.07 10.07
CA TYR A 331 12.03 -12.75 8.96
C TYR A 331 12.90 -12.42 7.72
N VAL A 332 12.59 -13.03 6.56
CA VAL A 332 13.08 -12.52 5.26
C VAL A 332 11.88 -12.34 4.34
N PRO A 333 11.77 -11.19 3.61
CA PRO A 333 10.64 -11.00 2.68
C PRO A 333 10.51 -12.16 1.67
N LEU A 334 9.53 -12.98 1.93
CA LEU A 334 9.44 -14.28 1.29
C LEU A 334 9.33 -14.15 -0.24
N ASN A 335 8.39 -13.31 -0.71
CA ASN A 335 8.14 -13.19 -2.14
C ASN A 335 9.47 -13.04 -2.86
N GLU A 336 10.17 -11.97 -2.50
CA GLU A 336 11.51 -11.67 -2.95
C GLU A 336 12.46 -12.87 -2.87
N LEU A 337 12.49 -13.55 -1.72
CA LEU A 337 13.34 -14.69 -1.61
C LEU A 337 12.98 -15.68 -2.71
N LEU A 338 11.69 -15.91 -2.85
CA LEU A 338 11.16 -16.97 -3.70
C LEU A 338 11.44 -16.77 -5.17
N GLU A 339 11.84 -15.57 -5.57
CA GLU A 339 12.24 -15.29 -6.97
C GLU A 339 13.52 -16.02 -7.28
N SER A 340 14.24 -16.38 -6.20
CA SER A 340 15.58 -16.95 -6.29
C SER A 340 15.65 -18.32 -5.66
N CYS A 341 14.53 -18.85 -5.22
CA CYS A 341 14.55 -20.22 -4.76
C CYS A 341 14.33 -21.23 -5.88
N SER A 342 14.85 -22.42 -5.65
CA SER A 342 14.61 -23.56 -6.50
C SER A 342 13.54 -24.47 -5.92
N VAL A 343 13.52 -24.62 -4.60
CA VAL A 343 12.42 -25.31 -3.92
C VAL A 343 12.05 -24.62 -2.59
N ILE A 344 10.74 -24.56 -2.32
CA ILE A 344 10.22 -24.13 -1.04
C ILE A 344 9.81 -25.37 -0.24
N ILE A 345 10.06 -25.34 1.06
CA ILE A 345 9.54 -26.33 1.99
C ILE A 345 8.73 -25.55 3.04
N HIS A 346 7.44 -25.80 3.13
CA HIS A 346 6.61 -25.10 4.10
C HIS A 346 5.56 -25.90 4.80
N HIS A 347 4.79 -25.22 5.65
CA HIS A 347 3.86 -25.89 6.54
C HIS A 347 2.43 -25.70 6.18
N GLY A 348 2.18 -25.70 4.87
CA GLY A 348 0.83 -25.78 4.30
C GLY A 348 -0.11 -24.59 4.39
N SER A 349 0.26 -23.59 5.17
CA SER A 349 -0.61 -22.44 5.32
C SER A 349 -0.68 -21.62 4.05
N THR A 350 -1.57 -20.65 3.97
CA THR A 350 -2.03 -20.25 2.65
C THR A 350 -1.30 -19.10 1.98
N THR A 351 -0.92 -18.08 2.74
CA THR A 351 -0.24 -16.91 2.12
C THR A 351 1.14 -17.33 1.64
N THR A 352 1.87 -18.00 2.51
CA THR A 352 3.09 -18.73 2.16
C THR A 352 2.92 -19.58 0.91
N GLN A 353 1.78 -20.24 0.77
CA GLN A 353 1.63 -21.27 -0.26
C GLN A 353 1.59 -20.70 -1.66
N GLU A 354 0.72 -19.71 -1.84
CA GLU A 354 0.54 -19.03 -3.14
C GLU A 354 1.75 -18.19 -3.55
N THR A 355 2.38 -17.50 -2.59
CA THR A 355 3.61 -16.79 -2.84
C THR A 355 4.55 -17.79 -3.50
N ALA A 356 4.62 -19.00 -2.93
CA ALA A 356 5.30 -20.07 -3.62
C ALA A 356 4.66 -20.32 -5.01
N THR A 357 3.37 -20.65 -4.99
CA THR A 357 2.67 -21.03 -6.21
C THR A 357 2.75 -19.95 -7.24
N VAL A 358 2.47 -18.74 -6.78
CA VAL A 358 2.46 -17.56 -7.64
C VAL A 358 3.88 -17.27 -8.19
N ASN A 359 4.91 -17.77 -7.52
CA ASN A 359 6.26 -17.59 -8.04
C ASN A 359 6.80 -18.79 -8.87
N GLY A 360 5.91 -19.73 -9.23
CA GLY A 360 6.29 -20.88 -10.04
C GLY A 360 7.15 -21.90 -9.33
N VAL A 361 7.39 -21.71 -8.03
CA VAL A 361 8.31 -22.57 -7.28
C VAL A 361 7.66 -23.91 -6.85
N PRO A 362 8.37 -25.05 -7.09
CA PRO A 362 7.84 -26.36 -6.72
C PRO A 362 7.95 -26.48 -5.23
N GLN A 363 7.10 -27.31 -4.63
CA GLN A 363 6.89 -27.18 -3.20
C GLN A 363 7.06 -28.49 -2.49
N LEU A 364 7.42 -28.41 -1.21
CA LEU A 364 7.50 -29.56 -0.31
C LEU A 364 6.77 -29.19 0.99
N ILE A 365 5.55 -29.73 1.16
CA ILE A 365 4.61 -29.24 2.19
C ILE A 365 4.39 -30.23 3.33
N LEU A 366 4.33 -29.71 4.57
CA LEU A 366 4.21 -30.54 5.78
C LEU A 366 2.98 -30.10 6.60
N PRO A 367 1.77 -30.57 6.21
CA PRO A 367 0.53 -29.88 6.67
C PRO A 367 0.03 -30.18 8.09
N TRP A 371 -8.52 -23.88 4.20
CA TRP A 371 -7.52 -24.65 4.94
C TRP A 371 -7.52 -26.08 4.53
N ASP A 372 -7.64 -26.99 5.51
CA ASP A 372 -7.27 -28.39 5.30
C ASP A 372 -5.89 -28.32 4.65
N GLU A 373 -4.90 -27.90 5.42
CA GLU A 373 -3.59 -27.68 4.86
C GLU A 373 -3.09 -28.88 4.08
N SER A 374 -3.53 -30.07 4.52
CA SER A 374 -3.37 -31.30 3.74
C SER A 374 -4.00 -31.17 2.36
N ARG A 375 -5.30 -30.89 2.36
CA ARG A 375 -6.10 -30.90 1.13
C ARG A 375 -5.58 -30.05 -0.02
N ARG A 376 -5.19 -28.80 0.27
CA ARG A 376 -4.63 -27.88 -0.75
C ARG A 376 -3.25 -28.33 -1.22
N ALA A 377 -2.47 -28.85 -0.26
CA ALA A 377 -1.17 -29.45 -0.49
C ALA A 377 -1.29 -30.77 -1.21
N GLU A 378 -2.42 -31.47 -0.99
CA GLU A 378 -2.73 -32.68 -1.74
C GLU A 378 -3.09 -32.28 -3.13
N LEU A 379 -3.95 -31.29 -3.24
CA LEU A 379 -4.40 -30.80 -4.52
C LEU A 379 -3.23 -30.32 -5.36
N LEU A 380 -2.24 -29.71 -4.69
CA LEU A 380 -1.05 -29.22 -5.39
C LEU A 380 -0.08 -30.36 -5.81
N ALA A 381 0.16 -31.28 -4.88
CA ALA A 381 0.72 -32.60 -5.20
C ALA A 381 0.16 -33.15 -6.53
N ASP A 382 -1.11 -33.60 -6.50
CA ASP A 382 -1.91 -33.98 -7.69
C ASP A 382 -1.52 -33.37 -9.01
N ARG A 383 -1.53 -32.04 -9.09
CA ARG A 383 -1.28 -31.34 -10.35
C ARG A 383 0.22 -31.30 -10.75
N GLY A 384 1.08 -31.88 -9.91
CA GLY A 384 2.46 -32.20 -10.29
C GLY A 384 3.52 -31.13 -10.03
N ALA A 385 3.20 -30.20 -9.14
CA ALA A 385 4.09 -29.09 -8.84
C ALA A 385 4.74 -29.22 -7.46
N GLY A 386 4.44 -30.31 -6.76
CA GLY A 386 4.95 -30.52 -5.41
C GLY A 386 4.68 -31.91 -4.86
N LEU A 387 5.09 -32.11 -3.60
CA LEU A 387 4.89 -33.37 -2.90
C LEU A 387 4.59 -33.13 -1.42
N VAL A 388 4.30 -34.22 -0.69
CA VAL A 388 3.98 -34.13 0.75
C VAL A 388 4.64 -35.25 1.59
N LEU A 389 4.99 -34.88 2.82
CA LEU A 389 5.39 -35.84 3.85
C LEU A 389 4.37 -35.79 4.98
N ASP A 390 4.33 -36.87 5.77
CA ASP A 390 3.46 -36.94 6.94
C ASP A 390 4.19 -36.52 8.22
N PRO A 391 3.82 -35.35 8.80
CA PRO A 391 4.51 -34.77 9.98
C PRO A 391 4.77 -35.76 11.14
N ALA A 392 3.99 -36.83 11.20
CA ALA A 392 4.20 -37.88 12.17
C ALA A 392 5.32 -38.78 11.66
N THR A 393 5.02 -39.59 10.65
CA THR A 393 5.94 -40.66 10.22
C THR A 393 7.23 -40.22 9.46
N PHE A 394 7.41 -38.92 9.16
CA PHE A 394 8.53 -38.45 8.31
C PHE A 394 9.95 -38.48 8.94
N THR A 395 10.89 -39.00 8.16
CA THR A 395 12.27 -39.11 8.54
C THR A 395 13.10 -38.25 7.59
N GLU A 396 14.15 -37.60 8.11
CA GLU A 396 15.19 -36.93 7.33
C GLU A 396 15.45 -37.51 5.92
N ASP A 397 15.34 -38.84 5.77
CA ASP A 397 15.59 -39.52 4.47
C ASP A 397 14.58 -39.04 3.45
N ASP A 398 13.31 -39.17 3.81
CA ASP A 398 12.18 -38.76 2.97
C ASP A 398 12.33 -37.29 2.60
N VAL A 399 12.67 -36.44 3.60
CA VAL A 399 12.98 -35.04 3.36
C VAL A 399 13.98 -34.95 2.21
N ARG A 400 15.17 -35.51 2.41
CA ARG A 400 16.18 -35.49 1.35
C ARG A 400 15.64 -36.03 0.03
N GLY A 401 15.25 -37.30 0.01
CA GLY A 401 14.78 -37.97 -1.21
C GLY A 401 13.66 -37.24 -1.94
N GLN A 402 12.78 -36.64 -1.15
CA GLN A 402 11.66 -35.90 -1.70
C GLN A 402 12.20 -34.66 -2.34
N LEU A 403 12.95 -33.87 -1.56
CA LEU A 403 13.63 -32.66 -2.05
C LEU A 403 14.38 -32.93 -3.37
N ALA A 404 15.17 -34.01 -3.37
CA ALA A 404 15.92 -34.47 -4.53
C ALA A 404 15.02 -34.67 -5.76
N ARG A 405 13.81 -35.17 -5.56
CA ARG A 405 12.89 -35.38 -6.68
C ARG A 405 12.48 -34.03 -7.30
N LEU A 406 12.04 -33.13 -6.41
CA LEU A 406 11.57 -31.76 -6.73
C LEU A 406 12.58 -30.95 -7.52
N LEU A 407 13.84 -31.03 -7.06
CA LEU A 407 15.03 -30.46 -7.67
C LEU A 407 15.53 -31.17 -8.94
N ASP A 408 15.11 -32.42 -9.17
CA ASP A 408 15.73 -33.26 -10.22
C ASP A 408 14.85 -33.57 -11.40
N GLU A 409 13.66 -34.10 -11.12
CA GLU A 409 12.76 -34.41 -12.21
C GLU A 409 12.05 -33.10 -12.56
N PRO A 410 12.25 -32.62 -13.80
CA PRO A 410 11.83 -31.25 -14.14
C PRO A 410 10.31 -31.11 -14.39
N SER A 411 9.54 -32.16 -14.10
CA SER A 411 8.08 -32.09 -14.29
C SER A 411 7.48 -31.05 -13.38
N PHE A 412 7.94 -31.06 -12.13
CA PHE A 412 7.46 -30.18 -11.10
C PHE A 412 7.75 -28.76 -11.51
N ALA A 413 9.04 -28.43 -11.69
CA ALA A 413 9.50 -27.16 -12.31
C ALA A 413 8.52 -26.72 -13.39
N ALA A 414 8.22 -27.63 -14.31
CA ALA A 414 7.26 -27.42 -15.38
C ALA A 414 5.84 -27.23 -14.86
N ASN A 415 5.32 -28.23 -14.15
CA ASN A 415 3.92 -28.22 -13.69
C ASN A 415 3.61 -26.98 -12.89
N ALA A 416 4.62 -26.49 -12.19
CA ALA A 416 4.48 -25.28 -11.38
C ALA A 416 4.28 -24.05 -12.27
N ALA A 417 4.99 -24.01 -13.39
CA ALA A 417 4.95 -22.88 -14.29
C ALA A 417 3.58 -22.76 -14.93
N LEU A 418 2.98 -23.90 -15.29
CA LEU A 418 1.71 -23.92 -16.01
C LEU A 418 0.61 -23.33 -15.12
N ILE A 419 0.50 -23.90 -13.91
CA ILE A 419 -0.21 -23.31 -12.75
C ILE A 419 0.07 -21.80 -12.51
N ARG A 420 1.33 -21.37 -12.55
CA ARG A 420 1.71 -19.95 -12.44
C ARG A 420 1.15 -19.08 -13.62
N ARG A 421 1.35 -19.56 -14.86
CA ARG A 421 0.81 -18.91 -16.06
C ARG A 421 -0.68 -18.79 -15.87
N GLU A 422 -1.30 -19.89 -15.48
CA GLU A 422 -2.72 -19.92 -15.16
C GLU A 422 -3.12 -18.77 -14.22
N ILE A 423 -2.45 -18.74 -13.07
CA ILE A 423 -2.68 -17.77 -12.02
C ILE A 423 -2.54 -16.35 -12.56
N GLU A 424 -1.48 -16.07 -13.32
CA GLU A 424 -1.24 -14.68 -13.73
C GLU A 424 -2.18 -14.20 -14.83
N GLU A 425 -3.22 -14.97 -15.09
CA GLU A 425 -4.27 -14.56 -16.02
C GLU A 425 -5.66 -14.47 -15.40
N SER A 426 -5.84 -14.96 -14.18
CA SER A 426 -7.02 -14.58 -13.39
C SER A 426 -6.98 -13.06 -13.10
N PRO A 427 -8.17 -12.46 -12.93
CA PRO A 427 -8.21 -11.02 -12.75
C PRO A 427 -7.45 -10.60 -11.51
N SER A 428 -6.55 -9.65 -11.71
CA SER A 428 -5.81 -9.02 -10.65
C SER A 428 -6.78 -8.32 -9.68
N PRO A 429 -6.33 -8.03 -8.44
CA PRO A 429 -7.10 -7.10 -7.63
C PRO A 429 -7.54 -5.91 -8.46
N HIS A 430 -6.59 -5.23 -9.09
CA HIS A 430 -6.90 -4.06 -9.98
C HIS A 430 -8.09 -4.32 -10.92
N ASP A 431 -8.16 -5.53 -11.46
CA ASP A 431 -9.24 -5.94 -12.32
C ASP A 431 -10.57 -6.13 -11.60
N ILE A 432 -10.47 -6.41 -10.30
CA ILE A 432 -11.63 -6.60 -9.43
C ILE A 432 -12.34 -5.30 -9.03
N VAL A 433 -11.57 -4.22 -8.84
CA VAL A 433 -12.19 -2.97 -8.44
C VAL A 433 -13.54 -2.71 -9.16
N PRO A 434 -13.56 -2.53 -10.51
CA PRO A 434 -14.85 -2.14 -11.12
C PRO A 434 -15.91 -3.17 -10.86
N ARG A 435 -15.57 -4.46 -10.96
CA ARG A 435 -16.56 -5.44 -10.56
C ARG A 435 -17.20 -5.17 -9.18
N LEU A 436 -16.48 -4.54 -8.25
CA LEU A 436 -17.09 -4.14 -6.98
C LEU A 436 -17.88 -2.84 -7.06
N GLU A 437 -17.39 -1.86 -7.81
CA GLU A 437 -18.12 -0.60 -7.92
C GLU A 437 -19.47 -0.91 -8.53
N LYS A 438 -19.41 -1.85 -9.47
CA LYS A 438 -20.56 -2.32 -10.23
C LYS A 438 -21.57 -2.84 -9.22
N LEU A 439 -21.08 -3.67 -8.33
CA LEU A 439 -21.85 -4.23 -7.26
C LEU A 439 -22.45 -3.16 -6.36
N VAL A 440 -21.69 -2.11 -6.10
CA VAL A 440 -22.22 -1.09 -5.21
C VAL A 440 -23.27 -0.26 -5.93
N ALA A 441 -23.15 -0.07 -7.23
CA ALA A 441 -24.17 0.68 -7.97
C ALA A 441 -25.54 -0.01 -8.11
N GLU A 442 -25.66 -1.32 -7.87
CA GLU A 442 -26.94 -2.01 -8.10
C GLU A 442 -28.02 -1.64 -7.09
N SER B 15 1.11 -9.41 -19.98
CA SER B 15 1.89 -8.44 -19.16
C SER B 15 2.38 -9.04 -17.82
N HIS B 16 3.29 -8.32 -17.17
CA HIS B 16 3.78 -8.59 -15.83
C HIS B 16 5.05 -7.86 -15.83
N MET B 17 5.01 -6.62 -15.40
CA MET B 17 6.20 -5.79 -15.40
C MET B 17 7.05 -5.86 -14.15
N ARG B 18 8.32 -5.50 -14.31
CA ARG B 18 9.25 -5.28 -13.22
C ARG B 18 9.59 -3.79 -13.15
N VAL B 19 9.14 -3.16 -12.08
CA VAL B 19 9.11 -1.75 -12.08
C VAL B 19 9.89 -1.26 -10.86
N LEU B 20 10.74 -0.27 -11.05
CA LEU B 20 11.48 0.31 -9.97
C LEU B 20 11.17 1.80 -9.76
N PHE B 21 10.93 2.19 -8.53
CA PHE B 21 10.82 3.60 -8.23
C PHE B 21 12.10 4.17 -7.64
N THR B 22 12.36 5.45 -7.93
CA THR B 22 13.56 6.11 -7.47
C THR B 22 13.19 7.50 -7.01
N PRO B 23 12.72 7.61 -5.74
CA PRO B 23 12.28 8.92 -5.21
C PRO B 23 13.41 9.74 -4.65
N LEU B 24 13.24 11.06 -4.58
CA LEU B 24 14.12 11.90 -3.79
C LEU B 24 13.76 11.45 -2.39
N PRO B 25 14.76 11.28 -1.52
CA PRO B 25 14.39 10.74 -0.22
C PRO B 25 13.84 11.78 0.76
N ALA B 26 12.64 12.31 0.46
CA ALA B 26 11.82 13.16 1.37
C ALA B 26 10.33 12.74 1.42
N SER B 27 9.71 12.96 2.58
CA SER B 27 8.44 12.34 2.93
C SER B 27 7.39 12.76 1.92
N SER B 28 7.13 14.05 1.87
CA SER B 28 6.36 14.58 0.77
C SER B 28 6.66 13.80 -0.52
N HIS B 29 7.82 14.01 -1.11
CA HIS B 29 8.12 13.33 -2.36
C HIS B 29 7.70 11.87 -2.39
N PHE B 30 8.18 11.04 -1.47
CA PHE B 30 7.88 9.63 -1.59
C PHE B 30 6.37 9.33 -1.51
N PHE B 31 5.68 9.95 -0.57
CA PHE B 31 4.27 9.73 -0.46
C PHE B 31 3.57 9.97 -1.80
N ASN B 32 3.98 11.02 -2.50
CA ASN B 32 3.40 11.39 -3.79
C ASN B 32 3.45 10.25 -4.79
N LEU B 33 4.34 9.29 -4.56
CA LEU B 33 4.45 8.17 -5.47
C LEU B 33 3.67 6.91 -5.02
N VAL B 34 3.31 6.84 -3.75
CA VAL B 34 2.84 5.59 -3.19
C VAL B 34 1.65 4.94 -3.90
N PRO B 35 0.60 5.72 -4.15
CA PRO B 35 -0.61 5.20 -4.80
C PRO B 35 -0.35 4.58 -6.17
N LEU B 36 0.51 5.18 -6.98
CA LEU B 36 0.82 4.63 -8.28
C LEU B 36 1.59 3.33 -8.16
N ALA B 37 2.54 3.37 -7.22
CA ALA B 37 3.34 2.22 -6.82
C ALA B 37 2.39 1.06 -6.53
N TRP B 38 1.53 1.29 -5.55
CA TRP B 38 0.48 0.34 -5.27
C TRP B 38 -0.46 0.12 -6.42
N ALA B 39 -0.91 1.18 -7.09
CA ALA B 39 -1.69 1.02 -8.31
C ALA B 39 -1.15 -0.18 -9.09
N LEU B 40 0.12 -0.12 -9.47
CA LEU B 40 0.76 -1.21 -10.21
C LEU B 40 0.86 -2.54 -9.39
N ARG B 41 1.32 -2.53 -8.13
CA ARG B 41 1.39 -3.86 -7.53
C ARG B 41 0.02 -4.53 -7.57
N ALA B 42 -1.02 -3.73 -7.35
CA ALA B 42 -2.40 -4.20 -7.31
C ALA B 42 -2.77 -4.82 -8.63
N ALA B 43 -2.18 -4.24 -9.67
CA ALA B 43 -2.32 -4.76 -11.03
C ALA B 43 -1.45 -6.02 -11.27
N GLY B 44 -0.69 -6.46 -10.26
CA GLY B 44 0.09 -7.68 -10.34
C GLY B 44 1.47 -7.44 -10.91
N HIS B 45 1.94 -6.21 -10.76
CA HIS B 45 3.27 -5.85 -11.20
C HIS B 45 4.20 -5.86 -10.06
N GLU B 46 5.45 -6.24 -10.30
CA GLU B 46 6.43 -6.27 -9.24
C GLU B 46 6.86 -4.84 -9.12
N VAL B 47 6.90 -4.31 -7.90
CA VAL B 47 7.29 -2.91 -7.67
C VAL B 47 8.43 -2.80 -6.66
N ARG B 48 9.46 -2.02 -6.97
CA ARG B 48 10.59 -1.84 -6.04
C ARG B 48 11.03 -0.38 -5.81
N VAL B 49 11.22 -0.01 -4.56
CA VAL B 49 11.55 1.39 -4.22
C VAL B 49 13.01 1.58 -3.74
N ALA B 50 13.86 2.04 -4.65
CA ALA B 50 15.24 2.42 -4.36
C ALA B 50 15.33 3.66 -3.47
N ILE B 51 16.01 3.51 -2.32
CA ILE B 51 15.95 4.48 -1.24
C ILE B 51 17.22 4.46 -0.41
N CYS B 52 17.69 5.62 -0.01
CA CYS B 52 18.87 5.70 0.85
C CYS B 52 18.62 4.94 2.19
N PRO B 53 19.63 4.16 2.67
CA PRO B 53 19.51 3.23 3.79
C PRO B 53 18.71 3.78 4.95
N ASN B 54 19.01 4.99 5.36
CA ASN B 54 18.41 5.55 6.56
C ASN B 54 16.89 5.68 6.49
N MET B 55 16.31 5.60 5.30
CA MET B 55 14.88 5.88 5.12
C MET B 55 13.96 4.71 4.69
N VAL B 56 14.47 3.48 4.72
CA VAL B 56 13.72 2.33 4.19
C VAL B 56 12.47 2.06 5.00
N SER B 57 12.42 2.65 6.19
CA SER B 57 11.33 2.37 7.11
C SER B 57 10.04 2.99 6.56
N MET B 58 10.20 4.21 6.05
CA MET B 58 9.20 5.00 5.34
C MET B 58 8.65 4.24 4.15
N VAL B 59 9.51 3.52 3.44
CA VAL B 59 9.05 2.68 2.33
C VAL B 59 8.24 1.54 2.88
N THR B 60 8.84 0.68 3.71
CA THR B 60 8.10 -0.41 4.28
C THR B 60 6.85 0.08 4.99
N GLY B 61 6.94 1.29 5.58
CA GLY B 61 5.82 1.92 6.28
C GLY B 61 4.58 2.13 5.40
N ALA B 62 4.79 2.21 4.08
CA ALA B 62 3.72 2.47 3.12
C ALA B 62 3.28 1.21 2.49
N GLY B 63 3.97 0.10 2.78
CA GLY B 63 3.54 -1.22 2.28
C GLY B 63 4.28 -1.70 1.03
N LEU B 64 5.18 -0.85 0.52
CA LEU B 64 6.12 -1.17 -0.59
C LEU B 64 7.56 -1.69 -0.20
N THR B 65 8.11 -2.56 -1.05
CA THR B 65 9.41 -3.20 -0.86
C THR B 65 10.53 -2.17 -0.98
N ALA B 66 11.28 -1.97 0.11
CA ALA B 66 12.43 -1.06 0.09
C ALA B 66 13.65 -1.75 -0.49
N VAL B 67 14.40 -1.02 -1.31
CA VAL B 67 15.68 -1.52 -1.82
C VAL B 67 16.67 -0.47 -1.39
N PRO B 68 17.51 -0.81 -0.38
CA PRO B 68 18.45 0.17 0.16
C PRO B 68 19.58 0.43 -0.84
N VAL B 69 19.88 1.70 -1.08
CA VAL B 69 20.79 2.06 -2.17
C VAL B 69 21.65 3.29 -1.82
N GLY B 70 22.92 3.28 -2.23
CA GLY B 70 23.89 4.30 -1.80
C GLY B 70 24.23 4.31 -0.31
N ASP B 71 24.58 5.49 0.18
CA ASP B 71 24.98 5.72 1.58
C ASP B 71 23.81 6.37 2.24
N GLU B 72 23.97 6.75 3.51
CA GLU B 72 23.00 7.62 4.17
C GLU B 72 22.87 8.92 3.39
N LEU B 73 21.82 9.68 3.66
CA LEU B 73 21.64 10.97 3.03
C LEU B 73 20.66 11.73 3.86
N ASP B 74 21.00 12.99 4.12
CA ASP B 74 20.20 13.88 4.96
C ASP B 74 19.92 15.19 4.21
N LEU B 75 18.66 15.43 3.86
CA LEU B 75 18.30 16.65 3.14
C LEU B 75 17.64 17.69 4.02
N THR B 114 30.23 12.85 -5.07
CA THR B 114 30.06 13.00 -3.63
C THR B 114 30.43 14.43 -3.21
N ASP B 115 29.80 15.39 -3.88
CA ASP B 115 30.11 16.80 -3.73
C ASP B 115 28.89 17.58 -3.23
N ALA B 116 27.73 16.95 -3.31
CA ALA B 116 26.46 17.48 -2.76
C ALA B 116 25.37 17.54 -3.82
N VAL B 117 25.43 18.54 -4.67
CA VAL B 117 24.45 18.66 -5.73
C VAL B 117 24.28 17.31 -6.42
N GLU B 118 25.38 16.55 -6.46
CA GLU B 118 25.36 15.21 -6.98
C GLU B 118 24.64 14.25 -6.04
N GLN B 119 24.98 14.31 -4.76
CA GLN B 119 24.29 13.49 -3.78
C GLN B 119 22.80 13.90 -3.74
N LEU B 120 22.53 15.21 -3.66
CA LEU B 120 21.16 15.77 -3.56
C LEU B 120 20.26 15.41 -4.76
N HIS B 121 20.87 14.98 -5.85
CA HIS B 121 20.13 14.58 -7.04
C HIS B 121 20.34 13.13 -7.34
N LEU B 122 20.80 12.40 -6.32
CA LEU B 122 20.91 10.96 -6.35
C LEU B 122 21.91 10.48 -7.38
N VAL B 123 22.81 11.38 -7.78
CA VAL B 123 23.62 11.14 -8.97
C VAL B 123 25.13 10.98 -8.68
N ASP B 124 25.50 10.97 -7.40
CA ASP B 124 26.85 10.68 -7.00
C ASP B 124 27.20 9.23 -7.37
N ASP B 125 28.44 8.83 -7.11
CA ASP B 125 28.90 7.49 -7.43
C ASP B 125 28.26 6.48 -6.49
N ARG B 126 28.50 6.62 -5.19
CA ARG B 126 27.89 5.76 -4.18
C ARG B 126 26.45 5.32 -4.53
N SER B 127 25.54 6.28 -4.75
CA SER B 127 24.16 5.96 -5.17
C SER B 127 24.16 5.29 -6.51
N LEU B 128 24.38 6.13 -7.52
CA LEU B 128 24.32 5.69 -8.90
C LEU B 128 24.87 4.29 -9.11
N ASP B 129 26.04 4.00 -8.52
CA ASP B 129 26.74 2.73 -8.74
C ASP B 129 25.93 1.58 -8.16
N ASP B 130 25.48 1.78 -6.91
CA ASP B 130 24.54 0.87 -6.25
C ASP B 130 23.32 0.64 -7.12
N LEU B 131 22.65 1.75 -7.46
CA LEU B 131 21.40 1.70 -8.16
C LEU B 131 21.60 0.92 -9.42
N MET B 132 22.67 1.24 -10.15
CA MET B 132 23.02 0.45 -11.33
C MET B 132 23.20 -1.05 -11.03
N GLY B 133 24.13 -1.34 -10.11
CA GLY B 133 24.44 -2.71 -9.69
C GLY B 133 23.22 -3.57 -9.58
N PHE B 134 22.26 -3.11 -8.79
CA PHE B 134 21.00 -3.82 -8.56
C PHE B 134 20.13 -3.86 -9.81
N ALA B 135 19.98 -2.68 -10.39
CA ALA B 135 19.21 -2.55 -11.59
C ALA B 135 19.70 -3.54 -12.65
N GLU B 136 21.01 -3.50 -12.94
CA GLU B 136 21.62 -4.43 -13.89
C GLU B 136 21.04 -5.80 -13.67
N LYS B 137 20.92 -6.16 -12.39
CA LYS B 137 20.53 -7.50 -12.01
C LYS B 137 19.03 -7.67 -12.10
N TRP B 138 18.31 -6.90 -11.30
CA TRP B 138 16.87 -7.03 -11.28
C TRP B 138 16.26 -6.74 -12.65
N GLN B 139 17.02 -6.07 -13.52
CA GLN B 139 16.60 -5.78 -14.90
C GLN B 139 15.15 -5.38 -14.94
N PRO B 140 14.83 -4.15 -14.45
CA PRO B 140 13.45 -3.65 -14.55
C PRO B 140 13.08 -3.29 -15.99
N ASP B 141 11.76 -3.30 -16.27
CA ASP B 141 11.15 -2.85 -17.53
C ASP B 141 10.87 -1.35 -17.53
N LEU B 142 10.57 -0.85 -16.34
CA LEU B 142 10.11 0.52 -16.17
C LEU B 142 10.71 1.17 -14.96
N VAL B 143 11.26 2.37 -15.14
CA VAL B 143 11.66 3.12 -13.99
C VAL B 143 10.94 4.43 -13.90
N VAL B 144 10.22 4.61 -12.79
CA VAL B 144 9.53 5.88 -12.54
C VAL B 144 10.29 6.79 -11.59
N TRP B 145 10.60 8.02 -12.01
CA TRP B 145 11.46 8.88 -11.20
C TRP B 145 11.00 10.25 -10.76
N ASP B 146 11.21 10.48 -9.46
CA ASP B 146 11.00 11.75 -8.79
C ASP B 146 11.65 12.81 -9.63
N ALA B 147 10.87 13.73 -10.17
CA ALA B 147 11.39 14.66 -11.16
C ALA B 147 12.65 15.36 -10.76
N MET B 148 13.05 15.26 -9.50
CA MET B 148 14.20 16.03 -9.02
C MET B 148 15.46 15.19 -8.81
N VAL B 149 15.42 13.95 -9.25
CA VAL B 149 16.57 13.02 -9.20
C VAL B 149 17.04 12.74 -10.62
N CYS B 150 18.28 12.32 -10.74
CA CYS B 150 18.87 12.10 -12.04
C CYS B 150 19.29 10.66 -12.11
N SER B 151 19.09 9.94 -11.01
CA SER B 151 19.60 8.61 -10.83
C SER B 151 18.80 7.65 -11.65
N GLY B 152 17.50 7.73 -11.46
CA GLY B 152 16.54 6.91 -12.22
C GLY B 152 16.83 6.94 -13.71
N PRO B 153 16.62 8.09 -14.36
CA PRO B 153 16.70 8.19 -15.81
C PRO B 153 18.03 7.68 -16.33
N VAL B 154 19.10 7.86 -15.55
CA VAL B 154 20.43 7.40 -15.98
C VAL B 154 20.44 5.89 -15.98
N VAL B 155 20.27 5.29 -14.82
CA VAL B 155 20.17 3.84 -14.76
C VAL B 155 19.18 3.22 -15.83
N ALA B 156 18.07 3.93 -16.04
CA ALA B 156 17.07 3.62 -17.07
C ALA B 156 17.59 3.55 -18.53
N ARG B 157 18.36 4.58 -18.90
CA ARG B 157 18.94 4.77 -20.24
C ARG B 157 19.92 3.66 -20.41
N ALA B 158 20.72 3.47 -19.35
CA ALA B 158 21.78 2.54 -19.29
C ALA B 158 21.37 1.10 -19.58
N LEU B 159 20.20 0.67 -19.12
CA LEU B 159 19.79 -0.71 -19.37
C LEU B 159 18.74 -0.70 -20.43
N GLY B 160 18.54 0.44 -21.09
CA GLY B 160 17.48 0.54 -22.08
C GLY B 160 16.09 0.12 -21.60
N ALA B 161 15.66 0.65 -20.45
CA ALA B 161 14.31 0.39 -19.96
C ALA B 161 13.49 1.66 -20.16
N ARG B 162 12.24 1.52 -20.54
CA ARG B 162 11.40 2.68 -20.58
C ARG B 162 11.41 3.32 -19.21
N HIS B 163 11.64 4.61 -19.13
CA HIS B 163 11.43 5.31 -17.86
C HIS B 163 10.37 6.39 -17.98
N VAL B 164 9.84 6.81 -16.84
CA VAL B 164 8.88 7.88 -16.82
C VAL B 164 9.12 8.72 -15.59
N ARG B 165 9.15 10.03 -15.78
CA ARG B 165 9.40 10.98 -14.73
C ARG B 165 8.07 11.34 -14.10
N MET B 166 8.08 11.45 -12.79
CA MET B 166 6.90 11.82 -12.03
C MET B 166 7.11 13.17 -11.32
N LEU B 167 6.14 14.07 -11.47
CA LEU B 167 6.22 15.44 -10.90
C LEU B 167 5.65 15.52 -9.51
N VAL B 168 6.11 16.52 -8.74
CA VAL B 168 5.64 16.78 -7.36
C VAL B 168 5.34 18.26 -7.21
N ALA B 169 6.24 19.14 -7.67
CA ALA B 169 5.95 20.58 -7.79
C ALA B 169 5.21 20.82 -9.09
N LEU B 170 5.26 22.04 -9.62
CA LEU B 170 4.87 22.28 -11.02
C LEU B 170 6.05 21.80 -11.85
N ASP B 171 6.12 22.21 -13.12
CA ASP B 171 7.23 21.74 -13.97
C ASP B 171 8.28 22.82 -14.29
N VAL B 172 8.89 23.36 -13.24
CA VAL B 172 9.89 24.40 -13.48
C VAL B 172 11.12 23.89 -14.24
N SER B 173 11.52 22.63 -14.00
CA SER B 173 12.64 22.00 -14.73
C SER B 173 12.43 22.07 -16.22
N GLY B 174 11.36 21.42 -16.67
CA GLY B 174 10.85 21.48 -18.05
C GLY B 174 10.68 22.89 -18.63
N TRP B 175 9.92 23.75 -17.93
CA TRP B 175 9.81 25.19 -18.27
C TRP B 175 11.17 25.78 -18.53
N LEU B 176 12.02 25.76 -17.51
CA LEU B 176 13.39 26.28 -17.64
C LEU B 176 14.20 25.63 -18.80
N ARG B 177 14.29 24.31 -18.75
CA ARG B 177 14.97 23.50 -19.75
C ARG B 177 14.57 23.86 -21.19
N SER B 178 13.29 23.71 -21.49
CA SER B 178 12.80 23.90 -22.85
C SER B 178 13.02 25.32 -23.27
N GLY B 179 12.89 26.27 -22.34
CA GLY B 179 13.28 27.66 -22.61
C GLY B 179 14.69 27.70 -23.19
N PHE B 180 15.64 27.16 -22.44
CA PHE B 180 17.04 27.02 -22.87
C PHE B 180 17.14 26.25 -24.20
N LEU B 181 16.42 25.14 -24.31
CA LEU B 181 16.35 24.42 -25.55
C LEU B 181 15.89 25.30 -26.72
N GLU B 182 15.10 26.32 -26.44
CA GLU B 182 14.56 27.13 -27.53
C GLU B 182 15.64 28.12 -27.89
N TYR B 183 16.13 28.88 -26.91
CA TYR B 183 17.19 29.86 -27.07
C TYR B 183 18.45 29.33 -27.73
N GLN B 184 18.91 28.14 -27.31
CA GLN B 184 20.13 27.58 -27.88
C GLN B 184 19.93 27.22 -29.35
N GLU B 185 18.73 26.79 -29.70
CA GLU B 185 18.47 26.51 -31.10
C GLU B 185 18.78 27.73 -31.95
N SER B 186 18.48 28.92 -31.43
CA SER B 186 18.68 30.17 -32.20
C SER B 186 20.12 30.67 -32.14
N LYS B 187 21.03 29.78 -31.76
CA LYS B 187 22.44 30.07 -31.78
C LYS B 187 23.13 29.18 -32.82
N PRO B 188 24.28 29.65 -33.38
CA PRO B 188 25.09 28.85 -34.33
C PRO B 188 25.59 27.51 -33.74
N PRO B 189 25.48 26.42 -34.52
CA PRO B 189 25.81 25.04 -34.13
C PRO B 189 27.08 24.86 -33.31
N GLU B 190 28.09 25.68 -33.55
CA GLU B 190 29.35 25.62 -32.79
C GLU B 190 29.24 26.16 -31.35
N GLN B 191 28.10 26.77 -31.03
CA GLN B 191 27.96 27.52 -29.79
C GLN B 191 26.87 27.00 -28.87
N ARG B 192 26.07 26.06 -29.39
CA ARG B 192 24.99 25.47 -28.63
C ARG B 192 25.52 24.52 -27.57
N VAL B 193 26.16 25.08 -26.53
CA VAL B 193 26.59 24.33 -25.36
C VAL B 193 25.43 23.87 -24.48
N ASP B 194 25.44 22.58 -24.14
CA ASP B 194 24.48 22.02 -23.20
C ASP B 194 25.19 21.61 -21.88
N PRO B 195 25.46 22.59 -21.00
CA PRO B 195 26.25 22.31 -19.78
C PRO B 195 25.65 21.19 -18.97
N LEU B 196 24.33 21.11 -19.01
CA LEU B 196 23.63 20.04 -18.34
C LEU B 196 23.77 18.74 -19.12
N GLY B 197 23.71 18.85 -20.45
CA GLY B 197 23.79 17.70 -21.35
C GLY B 197 25.15 17.05 -21.31
N THR B 198 26.17 17.86 -21.08
CA THR B 198 27.52 17.34 -21.01
C THR B 198 27.63 16.57 -19.72
N TRP B 199 27.17 17.23 -18.66
CA TRP B 199 27.26 16.78 -17.29
C TRP B 199 26.57 15.45 -17.04
N LEU B 200 25.36 15.33 -17.56
CA LEU B 200 24.69 14.06 -17.69
C LEU B 200 25.44 13.12 -18.63
N GLY B 201 25.67 13.58 -19.86
CA GLY B 201 26.27 12.75 -20.91
C GLY B 201 27.45 11.93 -20.38
N ALA B 202 28.24 12.55 -19.50
CA ALA B 202 29.47 11.99 -18.95
C ALA B 202 29.24 10.77 -18.04
N LYS B 203 28.45 11.00 -17.01
CA LYS B 203 27.96 9.93 -16.14
C LYS B 203 27.49 8.76 -17.01
N LEU B 204 26.72 9.08 -18.03
CA LEU B 204 26.18 8.08 -18.94
C LEU B 204 27.30 7.28 -19.56
N ALA B 205 28.39 8.01 -19.84
CA ALA B 205 29.56 7.45 -20.46
C ALA B 205 29.92 6.17 -19.71
N LYS B 206 30.17 6.32 -18.41
CA LYS B 206 30.49 5.21 -17.55
C LYS B 206 29.89 3.91 -18.05
N PHE B 207 28.62 3.94 -18.40
CA PHE B 207 27.94 2.70 -18.63
C PHE B 207 27.69 2.32 -20.08
N GLY B 208 28.38 2.91 -21.02
CA GLY B 208 28.08 2.55 -22.41
C GLY B 208 26.95 3.40 -22.97
N ALA B 209 26.74 4.56 -22.33
CA ALA B 209 25.56 5.38 -22.61
C ALA B 209 25.75 6.82 -23.09
N THR B 210 24.86 7.18 -24.01
CA THR B 210 24.78 8.50 -24.57
C THR B 210 23.75 9.36 -23.82
N PHE B 211 23.90 10.68 -23.92
CA PHE B 211 22.86 11.58 -23.44
C PHE B 211 21.71 11.70 -24.46
N ASP B 212 20.49 11.88 -23.94
CA ASP B 212 19.29 12.17 -24.72
C ASP B 212 18.46 13.09 -23.89
N GLU B 213 17.78 14.02 -24.55
CA GLU B 213 16.93 14.99 -23.86
C GLU B 213 15.99 14.34 -22.90
N GLU B 214 15.65 13.08 -23.18
CA GLU B 214 14.69 12.29 -22.41
C GLU B 214 15.16 12.04 -21.02
N ILE B 215 16.47 11.97 -20.83
CA ILE B 215 17.05 11.87 -19.51
C ILE B 215 16.68 13.10 -18.66
N VAL B 216 16.53 14.25 -19.32
CA VAL B 216 16.10 15.46 -18.61
C VAL B 216 14.61 15.52 -18.25
N THR B 217 13.74 14.88 -19.05
CA THR B 217 12.29 15.06 -18.85
C THR B 217 11.49 13.76 -18.82
N GLY B 218 12.14 12.63 -19.02
CA GLY B 218 11.44 11.36 -19.10
C GLY B 218 10.92 11.18 -20.49
N GLN B 219 10.46 9.96 -20.81
CA GLN B 219 9.74 9.62 -22.05
C GLN B 219 8.28 10.01 -21.97
N ALA B 220 7.86 10.45 -20.78
CA ALA B 220 6.54 11.05 -20.52
C ALA B 220 6.60 11.36 -19.04
N THR B 221 5.81 12.35 -18.66
CA THR B 221 5.79 12.91 -17.32
C THR B 221 4.37 12.76 -16.77
N ILE B 222 4.28 12.18 -15.57
CA ILE B 222 3.02 12.00 -14.87
C ILE B 222 2.71 13.22 -14.00
N ASP B 223 1.71 14.02 -14.43
CA ASP B 223 1.34 15.22 -13.70
C ASP B 223 0.15 15.10 -12.71
N PRO B 224 0.45 14.97 -11.40
CA PRO B 224 -0.58 14.90 -10.39
C PRO B 224 -1.12 16.28 -9.97
N ILE B 225 -0.40 17.34 -10.34
CA ILE B 225 -0.88 18.72 -10.18
C ILE B 225 -2.09 18.94 -11.10
N PRO B 226 -3.16 19.58 -10.58
CA PRO B 226 -4.37 19.85 -11.35
C PRO B 226 -4.03 20.57 -12.65
N SER B 227 -4.34 19.95 -13.78
CA SER B 227 -3.82 20.40 -15.09
C SER B 227 -4.04 21.87 -15.46
N TRP B 228 -4.99 22.57 -14.84
CA TRP B 228 -5.09 24.01 -15.06
C TRP B 228 -4.00 24.84 -14.37
N MET B 229 -3.14 24.21 -13.58
CA MET B 229 -2.06 24.89 -12.91
C MET B 229 -0.82 24.65 -13.73
N ARG B 230 -0.95 23.97 -14.87
CA ARG B 230 0.24 23.42 -15.55
C ARG B 230 1.00 24.38 -16.46
N LEU B 231 2.25 24.68 -16.09
CA LEU B 231 3.14 25.53 -16.90
C LEU B 231 3.10 25.06 -18.33
N PRO B 232 3.02 26.01 -19.30
CA PRO B 232 2.93 25.70 -20.74
C PRO B 232 4.26 25.11 -21.23
N VAL B 233 4.30 23.81 -21.42
CA VAL B 233 5.54 23.21 -21.87
C VAL B 233 5.20 22.02 -22.72
N ASP B 234 5.89 21.89 -23.84
CA ASP B 234 5.50 20.91 -24.82
C ASP B 234 6.07 19.56 -24.47
N LEU B 235 5.41 18.82 -23.58
CA LEU B 235 5.80 17.44 -23.31
C LEU B 235 4.64 16.48 -23.26
N ASP B 236 5.01 15.23 -23.37
CA ASP B 236 4.14 14.11 -23.23
C ASP B 236 3.65 14.03 -21.78
N TYR B 237 2.66 14.84 -21.41
CA TYR B 237 2.09 14.80 -20.05
C TYR B 237 0.93 13.82 -19.85
N ILE B 238 1.11 12.93 -18.88
CA ILE B 238 0.06 12.04 -18.40
C ILE B 238 -0.63 12.56 -17.15
N SER B 239 -1.91 12.89 -17.30
CA SER B 239 -2.68 13.46 -16.23
C SER B 239 -3.09 12.41 -15.24
N MET B 240 -2.72 12.62 -13.99
CA MET B 240 -3.07 11.69 -12.93
C MET B 240 -3.76 12.35 -11.71
N ARG B 241 -4.86 11.72 -11.26
CA ARG B 241 -5.61 12.14 -10.05
C ARG B 241 -4.84 11.93 -8.73
N PHE B 242 -4.62 13.04 -8.03
CA PHE B 242 -3.88 13.00 -6.80
C PHE B 242 -4.59 12.12 -5.82
N VAL B 243 -3.85 11.24 -5.16
CA VAL B 243 -4.42 10.36 -4.16
C VAL B 243 -3.63 10.43 -2.90
N PRO B 244 -4.15 11.09 -1.88
CA PRO B 244 -3.33 11.44 -0.70
C PRO B 244 -2.93 10.21 0.07
N TYR B 245 -1.64 10.04 0.24
CA TYR B 245 -1.11 9.12 1.21
C TYR B 245 -0.30 10.06 2.08
N ASN B 246 -0.46 9.97 3.39
CA ASN B 246 0.02 11.03 4.25
C ASN B 246 1.05 10.57 5.27
N GLY B 247 1.30 9.26 5.24
CA GLY B 247 2.17 8.58 6.21
C GLY B 247 1.29 7.62 6.93
N PRO B 248 1.67 7.21 8.15
CA PRO B 248 0.88 6.26 8.93
C PRO B 248 -0.31 6.97 9.53
N ALA B 249 -1.49 6.38 9.38
CA ALA B 249 -2.75 7.02 9.79
C ALA B 249 -3.60 6.12 10.68
N VAL B 250 -3.90 6.60 11.89
CA VAL B 250 -4.78 5.88 12.85
C VAL B 250 -5.93 6.80 13.35
N LEU B 251 -7.16 6.30 13.45
CA LEU B 251 -8.21 7.20 13.92
C LEU B 251 -8.16 7.38 15.44
N PRO B 252 -7.80 8.60 15.90
CA PRO B 252 -7.86 8.97 17.32
C PRO B 252 -9.29 9.15 17.75
N GLU B 253 -9.57 8.97 19.04
CA GLU B 253 -10.94 9.10 19.57
C GLU B 253 -11.54 10.42 19.16
N TRP B 254 -10.79 11.49 19.41
CA TRP B 254 -11.31 12.83 19.25
C TRP B 254 -11.96 13.04 17.90
N LEU B 255 -11.33 12.44 16.89
CA LEU B 255 -11.72 12.54 15.49
C LEU B 255 -12.96 11.72 15.17
N ARG B 256 -13.47 10.98 16.15
CA ARG B 256 -14.70 10.18 16.01
C ARG B 256 -15.91 11.07 16.22
N GLU B 257 -15.79 12.01 17.16
CA GLU B 257 -16.91 12.86 17.52
C GLU B 257 -17.09 13.98 16.50
N ARG B 258 -18.32 14.14 16.03
CA ARG B 258 -18.71 15.22 15.10
C ARG B 258 -18.28 16.62 15.59
N PRO B 259 -17.70 17.43 14.69
CA PRO B 259 -17.32 18.81 15.08
C PRO B 259 -18.52 19.66 15.52
N THR B 260 -18.30 20.58 16.45
CA THR B 260 -19.37 21.36 17.08
C THR B 260 -19.20 22.80 16.68
N LYS B 261 -18.04 23.10 16.12
CA LYS B 261 -17.79 24.39 15.49
C LYS B 261 -16.75 24.19 14.40
N PRO B 262 -16.63 25.16 13.47
CA PRO B 262 -15.67 25.01 12.37
C PRO B 262 -14.26 24.52 12.76
N ARG B 263 -13.75 23.61 11.94
CA ARG B 263 -12.49 22.99 12.23
C ARG B 263 -11.43 23.49 11.29
N VAL B 264 -10.46 24.19 11.88
CA VAL B 264 -9.39 24.74 11.09
C VAL B 264 -8.20 23.91 11.44
N CYS B 265 -7.38 23.68 10.42
CA CYS B 265 -6.27 22.80 10.53
C CYS B 265 -5.00 23.56 10.14
N ILE B 266 -4.04 23.70 11.06
CA ILE B 266 -2.81 24.42 10.72
C ILE B 266 -1.63 23.46 10.76
N THR B 267 -0.92 23.35 9.62
CA THR B 267 0.28 22.50 9.51
C THR B 267 1.51 23.25 9.01
N ARG B 268 2.59 23.10 9.79
CA ARG B 268 3.86 23.79 9.57
C ARG B 268 4.33 23.44 8.18
N GLY B 269 4.51 22.15 7.94
CA GLY B 269 4.66 21.66 6.59
C GLY B 269 3.58 20.62 6.31
N LEU B 270 3.82 19.43 6.83
CA LEU B 270 5.16 19.08 7.27
C LEU B 270 5.79 18.50 6.02
N THR B 271 6.78 17.62 6.10
CA THR B 271 7.58 17.44 7.27
C THR B 271 8.82 18.23 6.96
N LYS B 272 9.12 19.16 7.87
CA LYS B 272 10.21 20.12 7.79
C LYS B 272 9.69 21.54 8.14
N ARG B 273 9.91 22.00 9.39
CA ARG B 273 10.57 21.26 10.51
C ARG B 273 12.08 21.04 10.38
N ARG B 274 12.74 21.73 9.42
CA ARG B 274 14.20 21.79 9.32
C ARG B 274 14.67 22.50 10.59
N LEU B 275 15.46 23.56 10.43
CA LEU B 275 16.11 24.23 11.58
C LEU B 275 16.41 23.23 12.72
N SER B 276 15.56 23.23 13.76
CA SER B 276 15.66 22.29 14.91
C SER B 276 17.04 21.63 15.09
N GLU B 294 10.41 33.09 11.98
CA GLU B 294 10.27 31.66 12.16
C GLU B 294 9.06 31.29 13.00
N ARG B 295 8.71 32.16 13.95
CA ARG B 295 7.44 32.01 14.65
C ARG B 295 6.39 32.96 14.11
N LEU B 296 6.41 33.12 12.78
CA LEU B 296 5.25 33.66 12.07
C LEU B 296 4.10 32.68 12.27
N LEU B 297 4.46 31.50 12.77
CA LEU B 297 3.51 30.43 13.17
C LEU B 297 2.72 30.75 14.43
N ARG B 298 3.35 31.38 15.43
CA ARG B 298 2.61 31.83 16.61
C ARG B 298 1.53 32.81 16.16
N GLY B 299 1.94 33.93 15.58
CA GLY B 299 1.01 34.88 15.00
C GLY B 299 0.00 34.20 14.09
N ALA B 300 0.37 33.05 13.53
CA ALA B 300 -0.59 32.27 12.72
C ALA B 300 -1.74 31.80 13.60
N ALA B 301 -1.41 30.95 14.59
CA ALA B 301 -2.38 30.33 15.50
C ALA B 301 -3.12 31.39 16.30
N ARG B 302 -2.39 32.38 16.79
CA ARG B 302 -2.93 33.36 17.73
C ARG B 302 -4.01 34.24 17.14
N LEU B 303 -4.13 34.27 15.82
CA LEU B 303 -5.22 35.01 15.21
C LEU B 303 -6.13 34.16 14.35
N ASP B 304 -6.59 33.07 14.94
CA ASP B 304 -7.67 32.25 14.43
C ASP B 304 -8.51 31.92 15.64
N VAL B 305 -7.80 31.72 16.75
CA VAL B 305 -8.39 31.68 18.06
C VAL B 305 -9.38 32.83 18.24
N GLU B 306 -9.06 33.95 17.59
CA GLU B 306 -9.86 35.14 17.54
C GLU B 306 -11.25 34.93 16.88
N VAL B 307 -11.48 33.80 16.22
CA VAL B 307 -12.84 33.45 15.75
C VAL B 307 -13.31 32.17 16.48
N ILE B 308 -14.61 31.83 16.39
CA ILE B 308 -15.20 30.69 17.16
C ILE B 308 -15.06 29.32 16.46
N ALA B 309 -13.83 28.85 16.40
CA ALA B 309 -13.50 27.70 15.59
C ALA B 309 -12.67 26.78 16.46
N THR B 310 -12.66 25.48 16.17
CA THR B 310 -11.66 24.64 16.81
C THR B 310 -10.44 24.48 15.89
N LEU B 311 -9.25 24.62 16.47
CA LEU B 311 -8.01 24.58 15.71
C LEU B 311 -7.18 23.36 16.02
N SER B 312 -7.04 22.49 15.02
CA SER B 312 -6.10 21.37 15.02
C SER B 312 -4.79 21.84 14.37
N ASP B 313 -3.68 21.54 15.04
CA ASP B 313 -2.42 22.23 14.90
C ASP B 313 -1.32 21.43 14.23
N ASP B 314 -0.17 21.45 14.90
CA ASP B 314 1.07 20.77 14.56
C ASP B 314 2.23 21.12 15.51
N GLU B 315 2.91 20.06 15.99
CA GLU B 315 4.29 20.13 16.55
C GLU B 315 4.36 19.84 18.05
N VAL B 316 5.50 20.16 18.66
CA VAL B 316 5.65 20.11 20.13
C VAL B 316 6.53 21.29 20.63
N ARG B 317 6.31 22.43 19.96
CA ARG B 317 6.96 23.74 20.20
C ARG B 317 6.24 24.61 21.22
N GLU B 318 7.01 25.26 22.08
CA GLU B 318 6.47 26.09 23.16
C GLU B 318 6.73 27.57 22.95
N MET B 319 5.66 28.34 23.11
CA MET B 319 5.64 29.79 22.85
C MET B 319 4.73 30.50 23.89
N GLY B 320 4.56 29.85 25.05
CA GLY B 320 3.68 30.34 26.11
C GLY B 320 2.20 30.23 25.78
N GLU B 321 1.42 29.71 26.74
CA GLU B 321 -0.06 29.69 26.69
C GLU B 321 -0.72 29.78 25.31
N LEU B 322 -1.29 28.66 24.87
CA LEU B 322 -2.17 28.64 23.72
C LEU B 322 -3.51 29.09 24.23
N PRO B 323 -4.35 29.69 23.37
CA PRO B 323 -5.73 29.92 23.78
C PRO B 323 -6.50 28.60 23.91
N SER B 324 -7.73 28.68 24.40
CA SER B 324 -8.48 27.51 24.83
C SER B 324 -9.01 26.66 23.69
N ASN B 325 -9.33 27.30 22.56
CA ASN B 325 -9.88 26.60 21.39
C ASN B 325 -8.80 26.04 20.47
N VAL B 326 -7.56 25.96 20.96
CA VAL B 326 -6.46 25.38 20.17
C VAL B 326 -6.09 23.98 20.68
N ARG B 327 -6.77 23.00 20.10
CA ARG B 327 -6.55 21.57 20.38
C ARG B 327 -5.30 21.08 19.62
N VAL B 328 -4.14 21.12 20.28
CA VAL B 328 -2.85 20.61 19.74
C VAL B 328 -2.62 19.09 19.84
N HIS B 329 -2.06 18.52 18.78
CA HIS B 329 -1.80 17.08 18.67
C HIS B 329 -0.56 16.91 17.84
N GLU B 330 0.37 16.10 18.29
CA GLU B 330 1.68 15.93 17.63
C GLU B 330 1.53 15.58 16.12
N TYR B 331 0.98 14.40 15.85
CA TYR B 331 0.68 13.92 14.50
C TYR B 331 -0.81 13.60 14.39
N VAL B 332 -1.40 14.09 13.32
CA VAL B 332 -2.74 13.71 12.93
C VAL B 332 -2.59 12.99 11.60
N PRO B 333 -3.61 12.22 11.22
CA PRO B 333 -3.67 11.73 9.85
C PRO B 333 -4.37 12.77 8.94
N LEU B 334 -3.60 13.33 8.02
CA LEU B 334 -3.98 14.54 7.35
C LEU B 334 -5.23 14.35 6.56
N ASN B 335 -5.24 13.34 5.71
CA ASN B 335 -6.44 13.06 4.90
C ASN B 335 -7.67 13.07 5.79
N GLU B 336 -7.68 12.13 6.72
CA GLU B 336 -8.80 11.86 7.63
C GLU B 336 -9.27 13.11 8.33
N LEU B 337 -8.30 13.81 8.92
CA LEU B 337 -8.56 15.04 9.62
C LEU B 337 -9.38 16.00 8.76
N LEU B 338 -8.95 16.17 7.52
CA LEU B 338 -9.50 17.19 6.67
C LEU B 338 -10.96 16.98 6.34
N GLU B 339 -11.54 15.86 6.80
CA GLU B 339 -12.92 15.47 6.41
C GLU B 339 -13.97 16.19 7.25
N SER B 340 -13.55 16.64 8.43
CA SER B 340 -14.38 17.42 9.32
C SER B 340 -14.03 18.90 9.23
N CYS B 341 -12.90 19.23 8.57
CA CYS B 341 -12.43 20.62 8.52
C CYS B 341 -13.16 21.51 7.52
N SER B 342 -13.38 22.74 7.95
CA SER B 342 -14.05 23.79 7.16
C SER B 342 -13.03 24.64 6.43
N VAL B 343 -11.80 24.68 6.97
CA VAL B 343 -10.68 25.43 6.39
C VAL B 343 -9.32 24.81 6.79
N ILE B 344 -8.26 25.22 6.10
CA ILE B 344 -6.92 24.79 6.37
C ILE B 344 -5.94 25.94 6.11
N ILE B 345 -5.02 26.15 7.04
CA ILE B 345 -3.90 27.06 6.90
C ILE B 345 -2.65 26.19 6.77
N HIS B 346 -1.94 26.34 5.64
CA HIS B 346 -0.70 25.58 5.42
C HIS B 346 0.44 26.36 4.81
N HIS B 347 1.58 25.73 4.65
CA HIS B 347 2.80 26.41 4.21
C HIS B 347 2.90 26.55 2.72
N GLY B 348 2.05 25.81 1.98
CA GLY B 348 1.99 25.91 0.52
C GLY B 348 2.56 24.77 -0.29
N SER B 349 3.15 23.78 0.41
CA SER B 349 3.72 22.55 -0.19
C SER B 349 2.70 21.61 -0.85
N THR B 350 3.15 20.58 -1.54
CA THR B 350 2.22 19.91 -2.46
C THR B 350 1.32 18.79 -1.90
N THR B 351 1.85 17.85 -1.14
CA THR B 351 0.91 16.83 -0.64
C THR B 351 -0.14 17.53 0.19
N THR B 352 0.30 18.55 0.93
CA THR B 352 -0.59 19.32 1.79
C THR B 352 -1.63 20.01 0.95
N GLN B 353 -1.21 20.93 0.09
CA GLN B 353 -2.12 21.54 -0.91
C GLN B 353 -3.09 20.55 -1.51
N GLU B 354 -2.54 19.46 -2.06
CA GLU B 354 -3.30 18.48 -2.83
C GLU B 354 -4.23 17.61 -1.97
N THR B 355 -3.74 17.20 -0.80
CA THR B 355 -4.57 16.47 0.14
C THR B 355 -5.73 17.40 0.37
N ALA B 356 -5.45 18.67 0.66
CA ALA B 356 -6.53 19.64 0.93
C ALA B 356 -7.48 19.87 -0.26
N THR B 357 -6.92 19.88 -1.48
CA THR B 357 -7.66 20.19 -2.69
C THR B 357 -8.73 19.15 -3.02
N VAL B 358 -8.33 17.88 -2.86
CA VAL B 358 -9.18 16.73 -3.20
C VAL B 358 -10.19 16.52 -2.11
N ASN B 359 -9.95 17.10 -0.95
CA ASN B 359 -10.91 17.12 0.15
C ASN B 359 -11.94 18.29 0.08
N GLY B 360 -11.80 19.11 -0.94
CA GLY B 360 -12.67 20.23 -1.13
C GLY B 360 -12.56 21.27 -0.03
N VAL B 361 -11.41 21.31 0.65
CA VAL B 361 -11.24 22.27 1.77
C VAL B 361 -10.64 23.60 1.34
N PRO B 362 -11.38 24.71 1.58
CA PRO B 362 -10.85 26.05 1.29
C PRO B 362 -9.54 26.27 2.03
N GLN B 363 -8.51 26.74 1.32
CA GLN B 363 -7.20 26.92 1.93
C GLN B 363 -6.74 28.40 2.12
N LEU B 364 -6.02 28.64 3.21
CA LEU B 364 -5.29 29.89 3.47
C LEU B 364 -3.79 29.60 3.41
N ILE B 365 -3.15 30.04 2.34
CA ILE B 365 -1.74 29.72 2.15
C ILE B 365 -0.74 30.86 2.42
N LEU B 366 0.11 30.62 3.41
CA LEU B 366 1.23 31.45 3.74
C LEU B 366 2.47 30.73 3.22
N PRO B 367 2.81 30.98 1.96
CA PRO B 367 3.59 30.08 1.13
C PRO B 367 5.10 30.27 1.08
N GLY B 368 5.57 31.32 0.39
CA GLY B 368 6.98 31.45 0.01
C GLY B 368 7.39 30.56 -1.17
N THR B 369 8.53 29.88 -1.08
CA THR B 369 9.54 29.98 -0.03
C THR B 369 10.78 29.44 -0.71
N PHE B 370 10.78 28.11 -0.88
CA PHE B 370 11.91 27.33 -1.39
C PHE B 370 11.53 26.50 -2.64
N TRP B 371 10.36 26.82 -3.19
CA TRP B 371 9.93 26.36 -4.53
C TRP B 371 8.69 27.06 -5.00
N ASP B 372 7.87 26.37 -5.78
CA ASP B 372 6.72 26.94 -6.46
C ASP B 372 5.56 27.21 -5.53
N GLU B 373 5.76 27.05 -4.23
CA GLU B 373 4.70 27.33 -3.25
C GLU B 373 3.91 28.58 -3.58
N SER B 374 4.59 29.63 -4.05
CA SER B 374 3.94 30.88 -4.42
C SER B 374 3.00 30.74 -5.60
N ARG B 375 3.52 30.31 -6.73
CA ARG B 375 2.72 30.29 -7.95
C ARG B 375 1.44 29.48 -7.79
N ARG B 376 1.56 28.31 -7.16
CA ARG B 376 0.45 27.41 -6.94
C ARG B 376 -0.55 27.99 -5.95
N ALA B 377 -0.03 28.62 -4.88
CA ALA B 377 -0.90 29.27 -3.89
C ALA B 377 -1.58 30.43 -4.57
N GLU B 378 -0.84 31.08 -5.46
CA GLU B 378 -1.37 32.18 -6.25
C GLU B 378 -2.41 31.64 -7.24
N LEU B 379 -2.20 30.43 -7.79
CA LEU B 379 -3.11 29.88 -8.82
C LEU B 379 -4.45 29.40 -8.24
N LEU B 380 -4.33 28.72 -7.09
CA LEU B 380 -5.46 28.28 -6.34
C LEU B 380 -6.30 29.52 -6.07
N ALA B 381 -5.66 30.53 -5.50
CA ALA B 381 -6.29 31.79 -5.19
C ALA B 381 -7.04 32.40 -6.39
N ASP B 382 -6.50 32.25 -7.60
CA ASP B 382 -7.13 32.79 -8.81
C ASP B 382 -8.49 32.22 -9.04
N ARG B 383 -8.63 30.96 -8.65
CA ARG B 383 -9.85 30.21 -8.91
C ARG B 383 -10.73 30.31 -7.70
N GLY B 384 -10.37 31.22 -6.81
CA GLY B 384 -11.19 31.58 -5.66
C GLY B 384 -11.47 30.44 -4.71
N ALA B 385 -10.48 29.61 -4.48
CA ALA B 385 -10.65 28.54 -3.55
C ALA B 385 -9.69 28.75 -2.35
N GLY B 386 -8.79 29.70 -2.51
CA GLY B 386 -7.96 30.08 -1.40
C GLY B 386 -7.81 31.56 -1.25
N LEU B 387 -6.96 31.93 -0.30
CA LEU B 387 -6.46 33.28 -0.15
C LEU B 387 -5.06 33.03 0.29
N VAL B 388 -4.22 34.05 0.16
CA VAL B 388 -2.81 33.92 0.38
C VAL B 388 -2.42 34.97 1.40
N LEU B 389 -1.33 34.74 2.11
CA LEU B 389 -0.82 35.72 3.06
C LEU B 389 0.61 35.99 2.74
N ASP B 390 0.91 37.28 2.56
CA ASP B 390 2.27 37.69 2.36
C ASP B 390 3.01 37.38 3.65
N PRO B 391 3.86 36.34 3.63
CA PRO B 391 4.65 36.04 4.83
C PRO B 391 5.46 37.27 5.21
N ALA B 392 6.09 37.23 6.38
CA ALA B 392 6.92 38.35 6.85
C ALA B 392 6.21 39.73 6.92
N THR B 393 5.19 40.00 6.06
CA THR B 393 4.36 41.24 6.16
C THR B 393 2.87 41.09 6.59
N PHE B 394 2.44 39.88 6.95
CA PHE B 394 1.05 39.62 7.37
C PHE B 394 0.89 39.92 8.85
N THR B 395 -0.07 40.79 9.17
CA THR B 395 -0.42 41.09 10.58
C THR B 395 -1.31 39.99 11.15
N GLU B 396 -1.28 39.81 12.48
CA GLU B 396 -2.27 38.95 13.14
C GLU B 396 -3.66 39.22 12.53
N ASP B 397 -4.13 40.47 12.56
CA ASP B 397 -5.47 40.78 12.04
C ASP B 397 -5.74 40.42 10.57
N ASP B 398 -4.68 40.20 9.79
CA ASP B 398 -4.81 39.60 8.45
C ASP B 398 -5.31 38.13 8.50
N VAL B 399 -4.71 37.35 9.40
CA VAL B 399 -4.99 35.92 9.55
C VAL B 399 -6.41 35.62 10.02
N ARG B 400 -7.11 36.62 10.55
CA ARG B 400 -8.53 36.49 10.90
C ARG B 400 -9.36 36.99 9.75
N GLY B 401 -9.25 38.28 9.49
CA GLY B 401 -9.97 38.89 8.37
C GLY B 401 -9.98 38.06 7.12
N GLN B 402 -8.95 37.22 6.97
CA GLN B 402 -8.87 36.25 5.88
C GLN B 402 -9.54 34.97 6.29
N LEU B 403 -9.07 34.36 7.37
CA LEU B 403 -9.75 33.20 7.90
C LEU B 403 -11.24 33.45 7.73
N ALA B 404 -11.72 34.50 8.40
CA ALA B 404 -13.12 34.89 8.37
C ALA B 404 -13.71 34.90 6.97
N ARG B 405 -12.91 35.26 5.96
CA ARG B 405 -13.46 35.31 4.62
C ARG B 405 -13.78 33.90 4.10
N LEU B 406 -12.91 32.96 4.44
CA LEU B 406 -13.09 31.59 3.99
C LEU B 406 -14.34 30.91 4.61
N LEU B 407 -14.70 31.34 5.83
CA LEU B 407 -15.78 30.76 6.64
C LEU B 407 -17.08 31.42 6.40
N ASP B 408 -17.01 32.71 6.04
CA ASP B 408 -18.19 33.56 5.88
C ASP B 408 -18.68 33.67 4.46
N GLU B 409 -17.89 33.19 3.50
CA GLU B 409 -18.23 33.38 2.08
C GLU B 409 -18.37 32.07 1.30
N PRO B 410 -19.62 31.64 1.02
CA PRO B 410 -19.87 30.27 0.57
C PRO B 410 -19.31 30.06 -0.83
N SER B 411 -18.76 31.15 -1.35
CA SER B 411 -18.00 31.19 -2.57
C SER B 411 -16.74 30.33 -2.43
N PHE B 412 -16.03 30.46 -1.32
CA PHE B 412 -14.75 29.77 -1.22
C PHE B 412 -14.92 28.27 -1.19
N ALA B 413 -15.98 27.77 -0.57
CA ALA B 413 -16.26 26.32 -0.60
C ALA B 413 -16.94 25.97 -1.91
N ALA B 414 -17.83 26.83 -2.36
CA ALA B 414 -18.52 26.54 -3.60
C ALA B 414 -17.48 26.28 -4.66
N ASN B 415 -16.42 27.08 -4.66
CA ASN B 415 -15.29 26.76 -5.52
C ASN B 415 -14.52 25.52 -5.08
N ALA B 416 -14.06 25.48 -3.83
CA ALA B 416 -13.28 24.36 -3.38
C ALA B 416 -13.94 23.03 -3.79
N ALA B 417 -15.26 23.06 -3.92
CA ALA B 417 -15.96 21.90 -4.47
C ALA B 417 -15.70 21.69 -5.99
N LEU B 418 -15.98 22.72 -6.79
CA LEU B 418 -15.85 22.69 -8.24
C LEU B 418 -14.53 22.11 -8.71
N ILE B 419 -13.45 22.64 -8.16
CA ILE B 419 -12.11 22.16 -8.44
C ILE B 419 -12.00 20.66 -8.14
N ARG B 420 -12.47 20.26 -6.96
CA ARG B 420 -12.33 18.91 -6.47
C ARG B 420 -12.99 17.97 -7.40
N ARG B 421 -14.30 18.12 -7.49
CA ARG B 421 -15.13 17.54 -8.54
C ARG B 421 -14.37 17.31 -9.87
N GLU B 422 -13.76 18.39 -10.39
CA GLU B 422 -12.87 18.29 -11.58
C GLU B 422 -11.75 17.27 -11.45
N ILE B 423 -11.05 17.32 -10.33
CA ILE B 423 -9.95 16.40 -10.08
C ILE B 423 -10.46 14.94 -10.08
N GLU B 424 -11.63 14.72 -9.51
CA GLU B 424 -12.19 13.39 -9.51
C GLU B 424 -12.51 12.92 -10.94
N GLU B 425 -12.72 13.85 -11.85
CA GLU B 425 -12.92 13.45 -13.22
C GLU B 425 -11.61 13.07 -13.87
N SER B 426 -10.48 13.47 -13.27
CA SER B 426 -9.17 12.97 -13.74
C SER B 426 -9.00 11.47 -13.55
N PRO B 427 -8.25 10.84 -14.45
CA PRO B 427 -8.03 9.40 -14.27
C PRO B 427 -7.21 9.11 -13.01
N SER B 428 -7.54 7.99 -12.34
CA SER B 428 -6.84 7.52 -11.12
C SER B 428 -5.49 6.81 -11.38
N PRO B 429 -4.61 6.73 -10.34
CA PRO B 429 -3.49 5.82 -10.47
C PRO B 429 -3.99 4.55 -11.14
N HIS B 430 -5.05 3.96 -10.58
CA HIS B 430 -5.71 2.78 -11.17
C HIS B 430 -5.84 2.88 -12.66
N ASP B 431 -6.49 3.95 -13.15
CA ASP B 431 -6.64 4.21 -14.60
C ASP B 431 -5.30 4.37 -15.36
N ILE B 432 -4.28 4.90 -14.69
CA ILE B 432 -2.98 5.14 -15.35
C ILE B 432 -2.12 3.86 -15.58
N VAL B 433 -2.50 2.74 -14.97
CA VAL B 433 -1.78 1.50 -15.23
C VAL B 433 -1.81 1.05 -16.71
N PRO B 434 -3.01 0.77 -17.28
CA PRO B 434 -2.89 0.23 -18.63
C PRO B 434 -2.07 1.13 -19.57
N ARG B 435 -1.97 2.44 -19.31
CA ARG B 435 -1.15 3.28 -20.16
C ARG B 435 0.35 2.98 -19.98
N LEU B 436 0.84 2.99 -18.74
CA LEU B 436 2.24 2.60 -18.52
C LEU B 436 2.43 1.18 -18.99
N GLU B 437 1.49 0.30 -18.68
CA GLU B 437 1.54 -1.03 -19.32
C GLU B 437 1.93 -0.93 -20.83
N LYS B 438 1.13 -0.16 -21.60
CA LYS B 438 1.34 0.09 -23.03
C LYS B 438 2.64 0.81 -23.33
N LEU B 439 3.03 1.74 -22.49
CA LEU B 439 4.31 2.42 -22.72
C LEU B 439 5.44 1.41 -22.82
N VAL B 440 5.37 0.42 -21.92
CA VAL B 440 6.46 -0.53 -21.74
C VAL B 440 6.44 -1.52 -22.86
N ALA B 441 5.26 -1.89 -23.34
CA ALA B 441 5.21 -2.80 -24.46
C ALA B 441 5.13 -2.11 -25.84
N GLU B 442 5.57 -0.85 -25.93
CA GLU B 442 5.55 -0.14 -27.22
C GLU B 442 6.78 -0.50 -28.04
#